data_8E7M
#
_entry.id   8E7M
#
_cell.length_a   1.00
_cell.length_b   1.00
_cell.length_c   1.00
_cell.angle_alpha   90.00
_cell.angle_beta   90.00
_cell.angle_gamma   90.00
#
_symmetry.space_group_name_H-M   'P 1'
#
loop_
_entity.id
_entity.type
_entity.pdbx_description
1 polymer 'Angiotensin-converting enzyme 2'
2 polymer '05B04 Heavy Chain'
3 polymer '05B04 Light Chain'
4 branched 2-acetamido-2-deoxy-beta-D-glucopyranose-(1-4)-[alpha-L-fucopyranose-(1-6)]2-acetamido-2-deoxy-beta-D-glucopyranose
5 branched 2-acetamido-2-deoxy-beta-D-glucopyranose-(1-4)-2-acetamido-2-deoxy-beta-D-glucopyranose
6 non-polymer 2-acetamido-2-deoxy-beta-D-glucopyranose
#
loop_
_entity_poly.entity_id
_entity_poly.type
_entity_poly.pdbx_seq_one_letter_code
_entity_poly.pdbx_strand_id
1 'polypeptide(L)'
;MSSSSWLLLSLVAVTAAQSTIEEQAKTFLDKFNHEAEDLFYQSSLASWNYNTNITEENVQNMNNAGDKWSAFLKEQSTLA
QMYPLQEIQNLTVKLQLQALQQNGSSVLSEDKSKRLNTILNTMSTIYSTGKVCNPDNPQECLLLEPGLNEIMANSLDYNE
RLWAWESWRSEVGKQLRPLYEEYVVLKNEMARANHYEDYGDYWRGDYEVNGVDGYDYSRGQLIEDVEHTFEEIKPLYEHL
HAYVRAKLMNAYPSYISPIGCLPAHLLGDMWGRFWTNLYSLTVPFGQKPNIDVTDAMVDQAWDAQRIFKEAEKFFVSVGL
PNMTQGFWENSMLTDPGNVQKAVCHPTAWDLGKGDFRILMCTKVTMDDFLTAHHEMGHIQYDMAYAAQPFLLRNGANEGF
HEAVGEIMSLSAATPKHLKSIGLLSPDFQEDNETEINFLLKQALTIVGTLPFTYMLEKWRWMVFKGEIPKDQWMKKWWEM
KREIVGVVEPVPHDETYCDPASLFHVSNDYSFIRYYTRTLYQFQFQEALCQAAKHEGPLHKCDISNSTEAGQKLFNMLRL
GKSEPWTLALENVVGAKNMNVRPLLNYFEPLFTWLKDQNKNSFVGWSTDWSPYADGSGHHHHHHHH
;
A
2 'polypeptide(L)'
;EVQLLESGGGLVQPGGSLRLSCAASGFTFSSYAMSWVRQAPGKGLEWVSGISGSGDRTYYPDSVKGRFTISRDNSKNTLY
LQMNSLRAEDTAVYYCAKDWAMVGADAFDIWGQGTMVTVSSASTKGPSVFPLAPSSKSTSGGTAALGCLVKDYFPEPVTV
SWNSGALTSGVHTFPAVLQSSGLYSLSSVVTVPSSSLGTQTYICNVNHKPSNTKVDKKVEPKSCDKT
;
H
3 'polypeptide(L)'
;DIQMTQSPSAMSASVGDRVTITCRASQGISNYFAWFQQKPGKVPKRLIYAASSLQSGVPSRFSGSGSGTEFTLTISNLQP
EDFATYYCLQHSYYPYTFGQGTKLEIKRTVAAPSVFIFPPSDEQLKSGTASVVCLLNNFYPREAKVQWKVDNALQSGNSQ
ESVTEQDSKDSTYSLSSTLTLSKADYEKHKVYACEVTHQGLSSPVTKSFNRGEC
;
L
#
loop_
_chem_comp.id
_chem_comp.type
_chem_comp.name
_chem_comp.formula
FUC L-saccharide, alpha linking alpha-L-fucopyranose 'C6 H12 O5'
NAG D-saccharide, beta linking 2-acetamido-2-deoxy-beta-D-glucopyranose 'C8 H15 N O6'
#
# COMPACT_ATOMS: atom_id res chain seq x y z
N ALA A 17 -3.89 -1.13 -14.27
CA ALA A 17 -3.49 -2.53 -14.24
C ALA A 17 -3.24 -2.98 -12.81
N GLN A 18 -1.99 -3.33 -12.52
CA GLN A 18 -1.42 -3.74 -11.22
C GLN A 18 -1.92 -5.12 -10.83
N SER A 19 -1.39 -5.65 -9.73
CA SER A 19 -1.78 -6.95 -9.20
C SER A 19 -3.08 -6.85 -8.39
N THR A 20 -3.61 -8.00 -8.03
CA THR A 20 -4.82 -8.09 -7.21
C THR A 20 -4.51 -7.94 -5.72
N ILE A 21 -3.25 -8.09 -5.33
CA ILE A 21 -2.87 -7.89 -3.93
C ILE A 21 -2.90 -6.40 -3.59
N GLU A 22 -2.31 -5.58 -4.47
CA GLU A 22 -2.29 -4.14 -4.26
C GLU A 22 -3.68 -3.59 -3.96
N GLU A 23 -4.63 -3.76 -4.90
CA GLU A 23 -5.97 -3.23 -4.74
C GLU A 23 -6.61 -3.63 -3.41
N GLN A 24 -6.43 -4.89 -3.00
CA GLN A 24 -6.92 -5.33 -1.69
C GLN A 24 -6.26 -4.54 -0.57
N ALA A 25 -4.95 -4.31 -0.67
CA ALA A 25 -4.27 -3.52 0.36
C ALA A 25 -4.79 -2.09 0.39
N LYS A 26 -5.10 -1.55 -0.79
CA LYS A 26 -5.63 -0.19 -0.88
C LYS A 26 -6.97 -0.08 -0.17
N THR A 27 -7.86 -1.05 -0.41
CA THR A 27 -9.16 -1.02 0.26
C THR A 27 -9.02 -1.22 1.77
N PHE A 28 -8.12 -2.11 2.18
CA PHE A 28 -7.85 -2.29 3.60
C PHE A 28 -7.33 -1.01 4.24
N LEU A 29 -6.45 -0.28 3.55
CA LEU A 29 -5.88 0.93 4.14
C LEU A 29 -6.93 2.03 4.24
N ASP A 30 -7.82 2.12 3.25
CA ASP A 30 -8.93 3.07 3.36
C ASP A 30 -9.79 2.77 4.58
N LYS A 31 -10.22 1.51 4.72
CA LYS A 31 -11.02 1.12 5.87
C LYS A 31 -10.30 1.38 7.18
N PHE A 32 -9.00 1.06 7.25
CA PHE A 32 -8.26 1.23 8.49
C PHE A 32 -8.15 2.70 8.88
N ASN A 33 -7.79 3.55 7.92
CA ASN A 33 -7.69 4.99 8.21
C ASN A 33 -9.01 5.53 8.72
N HIS A 34 -10.12 5.18 8.03
CA HIS A 34 -11.40 5.74 8.42
C HIS A 34 -11.86 5.22 9.78
N GLU A 35 -11.52 3.98 10.13
CA GLU A 35 -11.86 3.49 11.47
C GLU A 35 -10.97 4.10 12.55
N ALA A 36 -9.70 4.38 12.23
CA ALA A 36 -8.74 4.76 13.27
C ALA A 36 -8.78 6.25 13.60
N GLU A 37 -9.19 7.09 12.65
CA GLU A 37 -9.26 8.53 12.92
C GLU A 37 -10.07 8.83 14.18
N ASP A 38 -11.26 8.24 14.30
CA ASP A 38 -12.15 8.58 15.40
C ASP A 38 -11.62 8.07 16.73
N LEU A 39 -11.06 6.85 16.74
CA LEU A 39 -10.52 6.30 17.97
C LEU A 39 -9.33 7.12 18.46
N PHE A 40 -8.45 7.53 17.55
CA PHE A 40 -7.33 8.38 17.95
C PHE A 40 -7.83 9.72 18.47
N TYR A 41 -8.88 10.28 17.85
CA TYR A 41 -9.39 11.55 18.35
C TYR A 41 -9.97 11.41 19.74
N GLN A 42 -10.70 10.33 20.01
CA GLN A 42 -11.25 10.13 21.35
C GLN A 42 -10.15 9.95 22.39
N SER A 43 -9.13 9.14 22.08
CA SER A 43 -8.04 8.95 23.02
C SER A 43 -7.30 10.25 23.30
N SER A 44 -7.05 11.05 22.25
CA SER A 44 -6.33 12.31 22.45
C SER A 44 -7.17 13.30 23.25
N LEU A 45 -8.48 13.37 22.97
CA LEU A 45 -9.35 14.25 23.75
C LEU A 45 -9.37 13.84 25.21
N ALA A 46 -9.40 12.53 25.49
CA ALA A 46 -9.41 12.05 26.86
C ALA A 46 -8.12 12.45 27.57
N SER A 47 -6.97 12.27 26.90
CA SER A 47 -5.71 12.64 27.52
C SER A 47 -5.60 14.14 27.74
N TRP A 48 -6.21 14.94 26.88
CA TRP A 48 -6.26 16.39 27.13
C TRP A 48 -7.12 16.73 28.34
N ASN A 49 -8.31 16.15 28.43
CA ASN A 49 -9.15 16.40 29.60
C ASN A 49 -8.46 15.96 30.88
N TYR A 50 -7.63 14.91 30.83
CA TYR A 50 -6.86 14.54 32.01
C TYR A 50 -5.77 15.56 32.32
N ASN A 51 -4.93 15.88 31.34
CA ASN A 51 -3.74 16.69 31.61
C ASN A 51 -4.05 18.12 32.04
N THR A 52 -5.25 18.64 31.81
CA THR A 52 -5.58 19.99 32.23
C THR A 52 -6.44 20.03 33.49
N ASN A 53 -6.83 18.87 34.02
CA ASN A 53 -7.75 18.86 35.17
C ASN A 53 -7.66 17.50 35.85
N ILE A 54 -6.65 17.31 36.70
CA ILE A 54 -6.33 16.01 37.29
C ILE A 54 -7.39 15.56 38.28
N THR A 55 -8.26 14.64 37.85
CA THR A 55 -9.23 14.00 38.73
C THR A 55 -9.20 12.50 38.43
N GLU A 56 -9.83 11.70 39.30
CA GLU A 56 -9.82 10.25 39.13
C GLU A 56 -10.70 9.80 37.96
N GLU A 57 -11.87 10.43 37.81
CA GLU A 57 -12.70 10.13 36.65
C GLU A 57 -11.95 10.32 35.35
N ASN A 58 -11.16 11.40 35.25
CA ASN A 58 -10.45 11.69 34.02
C ASN A 58 -9.34 10.67 33.76
N VAL A 59 -8.62 10.25 34.80
CA VAL A 59 -7.57 9.26 34.60
C VAL A 59 -8.16 7.91 34.21
N GLN A 60 -9.31 7.55 34.79
CA GLN A 60 -9.95 6.29 34.43
C GLN A 60 -10.44 6.32 32.99
N ASN A 61 -11.01 7.45 32.56
CA ASN A 61 -11.44 7.58 31.17
C ASN A 61 -10.24 7.51 30.24
N MET A 62 -9.13 8.16 30.63
CA MET A 62 -7.92 8.13 29.84
C MET A 62 -7.39 6.71 29.65
N ASN A 63 -7.33 5.94 30.74
CA ASN A 63 -6.81 4.58 30.62
C ASN A 63 -7.75 3.69 29.81
N ASN A 64 -9.07 3.88 29.96
CA ASN A 64 -10.02 3.12 29.16
C ASN A 64 -9.82 3.39 27.67
N ALA A 65 -9.75 4.67 27.28
CA ALA A 65 -9.57 5.02 25.88
C ALA A 65 -8.23 4.50 25.34
N GLY A 66 -7.17 4.59 26.14
CA GLY A 66 -5.89 4.12 25.68
C GLY A 66 -5.85 2.61 25.48
N ASP A 67 -6.49 1.86 26.37
CA ASP A 67 -6.55 0.41 26.20
C ASP A 67 -7.37 0.03 24.98
N LYS A 68 -8.50 0.72 24.76
CA LYS A 68 -9.30 0.49 23.55
C LYS A 68 -8.49 0.75 22.30
N TRP A 69 -7.75 1.86 22.26
CA TRP A 69 -6.95 2.19 21.09
C TRP A 69 -5.85 1.15 20.86
N SER A 70 -5.20 0.71 21.93
CA SER A 70 -4.12 -0.28 21.76
C SER A 70 -4.69 -1.61 21.26
N ALA A 71 -5.85 -2.02 21.76
CA ALA A 71 -6.46 -3.26 21.29
C ALA A 71 -6.83 -3.16 19.82
N PHE A 72 -7.44 -2.04 19.42
CA PHE A 72 -7.75 -1.84 18.00
C PHE A 72 -6.49 -1.88 17.14
N LEU A 73 -5.41 -1.25 17.60
CA LEU A 73 -4.19 -1.23 16.81
C LEU A 73 -3.60 -2.62 16.66
N LYS A 74 -3.63 -3.42 17.72
CA LYS A 74 -3.08 -4.77 17.64
C LYS A 74 -3.94 -5.66 16.74
N GLU A 75 -5.26 -5.51 16.82
CA GLU A 75 -6.15 -6.24 15.91
C GLU A 75 -5.85 -5.89 14.46
N GLN A 76 -5.74 -4.60 14.14
CA GLN A 76 -5.45 -4.21 12.76
C GLN A 76 -4.07 -4.65 12.32
N SER A 77 -3.10 -4.70 13.23
CA SER A 77 -1.77 -5.18 12.86
C SER A 77 -1.81 -6.66 12.50
N THR A 78 -2.42 -7.47 13.37
CA THR A 78 -2.52 -8.90 13.09
C THR A 78 -3.32 -9.18 11.82
N LEU A 79 -4.30 -8.31 11.50
CA LEU A 79 -5.04 -8.51 10.25
C LEU A 79 -4.19 -8.12 9.05
N ALA A 80 -3.54 -6.95 9.11
CA ALA A 80 -2.73 -6.44 8.00
C ALA A 80 -1.51 -7.28 7.71
N GLN A 81 -1.05 -8.08 8.66
CA GLN A 81 0.10 -8.95 8.40
C GLN A 81 -0.12 -10.01 7.32
N MET A 82 -1.36 -10.25 6.88
CA MET A 82 -1.63 -11.26 5.86
C MET A 82 -1.44 -10.79 4.42
N TYR A 83 -1.07 -9.54 4.17
CA TYR A 83 -0.86 -9.09 2.80
C TYR A 83 0.62 -9.10 2.45
N PRO A 84 1.06 -9.95 1.51
CA PRO A 84 2.50 -10.10 1.23
C PRO A 84 3.14 -8.85 0.63
N LEU A 85 3.97 -8.20 1.45
CA LEU A 85 4.62 -6.94 1.10
C LEU A 85 5.31 -6.97 -0.27
N GLN A 86 6.01 -8.07 -0.59
CA GLN A 86 6.85 -8.12 -1.78
C GLN A 86 6.12 -7.80 -3.08
N GLU A 87 4.81 -7.98 -3.15
CA GLU A 87 4.05 -7.77 -4.39
C GLU A 87 3.49 -6.36 -4.54
N ILE A 88 3.85 -5.44 -3.66
CA ILE A 88 3.33 -4.07 -3.71
C ILE A 88 4.32 -3.21 -4.47
N GLN A 89 3.83 -2.50 -5.49
CA GLN A 89 4.66 -1.63 -6.31
C GLN A 89 4.41 -0.15 -6.07
N ASN A 90 3.51 0.22 -5.16
CA ASN A 90 3.18 1.61 -4.89
C ASN A 90 3.84 1.98 -3.57
N LEU A 91 4.69 3.01 -3.61
CA LEU A 91 5.56 3.32 -2.48
C LEU A 91 4.77 3.74 -1.25
N THR A 92 3.70 4.52 -1.43
CA THR A 92 2.96 5.00 -0.26
C THR A 92 2.29 3.85 0.48
N VAL A 93 1.63 2.96 -0.26
CA VAL A 93 0.99 1.80 0.34
C VAL A 93 2.05 0.87 0.93
N LYS A 94 3.24 0.81 0.32
CA LYS A 94 4.32 0.00 0.89
C LYS A 94 4.76 0.54 2.24
N LEU A 95 4.93 1.86 2.36
CA LEU A 95 5.31 2.44 3.65
C LEU A 95 4.24 2.20 4.70
N GLN A 96 2.97 2.45 4.35
CA GLN A 96 1.90 2.23 5.34
C GLN A 96 1.84 0.76 5.77
N LEU A 97 1.97 -0.16 4.81
CA LEU A 97 1.95 -1.58 5.14
C LEU A 97 3.11 -1.95 6.06
N GLN A 98 4.31 -1.43 5.79
CA GLN A 98 5.45 -1.72 6.65
C GLN A 98 5.20 -1.20 8.06
N ALA A 99 4.70 0.04 8.17
CA ALA A 99 4.39 0.60 9.48
C ALA A 99 3.39 -0.25 10.25
N LEU A 100 2.36 -0.75 9.56
CA LEU A 100 1.36 -1.58 10.23
C LEU A 100 1.88 -2.97 10.58
N GLN A 101 2.79 -3.53 9.77
CA GLN A 101 3.22 -4.91 9.96
C GLN A 101 4.24 -5.11 11.07
N GLN A 102 4.87 -4.05 11.58
CA GLN A 102 5.78 -4.17 12.71
C GLN A 102 5.22 -5.03 13.84
N ASN A 103 5.78 -6.23 14.01
CA ASN A 103 5.41 -7.10 15.12
C ASN A 103 5.53 -6.40 16.46
N GLY A 104 6.67 -5.74 16.69
CA GLY A 104 6.95 -5.17 17.99
C GLY A 104 7.27 -6.24 19.02
N SER A 105 6.68 -6.09 20.20
CA SER A 105 6.89 -7.01 21.30
C SER A 105 6.20 -8.36 21.12
N SER A 106 5.24 -8.47 20.19
CA SER A 106 4.42 -9.67 20.11
C SER A 106 5.23 -10.93 19.82
N VAL A 107 6.45 -10.82 19.28
CA VAL A 107 7.22 -12.01 18.93
C VAL A 107 7.80 -12.68 20.17
N LEU A 108 7.61 -12.09 21.34
CA LEU A 108 8.07 -12.67 22.60
C LEU A 108 6.99 -13.61 23.15
N SER A 109 7.42 -14.63 23.88
CA SER A 109 6.45 -15.45 24.60
C SER A 109 5.79 -14.63 25.70
N GLU A 110 4.69 -15.18 26.23
CA GLU A 110 3.86 -14.44 27.19
C GLU A 110 4.57 -14.19 28.52
N ASP A 111 5.17 -15.22 29.12
CA ASP A 111 5.77 -15.04 30.44
C ASP A 111 6.94 -14.07 30.42
N LYS A 112 7.83 -14.19 29.44
CA LYS A 112 8.96 -13.27 29.38
C LYS A 112 8.49 -11.85 29.05
N SER A 113 7.45 -11.72 28.22
CA SER A 113 6.91 -10.39 27.94
C SER A 113 6.36 -9.74 29.20
N LYS A 114 5.61 -10.51 30.00
CA LYS A 114 5.14 -9.99 31.29
C LYS A 114 6.32 -9.56 32.15
N ARG A 115 7.37 -10.38 32.20
CA ARG A 115 8.53 -10.04 33.02
C ARG A 115 9.21 -8.77 32.50
N LEU A 116 9.25 -8.60 31.19
CA LEU A 116 9.86 -7.41 30.60
C LEU A 116 9.08 -6.16 30.97
N ASN A 117 7.75 -6.22 30.86
CA ASN A 117 6.93 -5.08 31.27
C ASN A 117 7.11 -4.80 32.76
N THR A 118 7.22 -5.85 33.57
CA THR A 118 7.44 -5.69 35.00
C THR A 118 8.74 -4.95 35.27
N ILE A 119 9.82 -5.36 34.60
CA ILE A 119 11.12 -4.75 34.85
C ILE A 119 11.17 -3.32 34.33
N LEU A 120 10.48 -3.03 33.22
CA LEU A 120 10.38 -1.65 32.75
C LEU A 120 9.69 -0.77 33.78
N ASN A 121 8.52 -1.20 34.26
CA ASN A 121 7.80 -0.42 35.26
C ASN A 121 8.60 -0.30 36.55
N THR A 122 9.34 -1.34 36.93
CA THR A 122 10.14 -1.27 38.15
C THR A 122 11.24 -0.23 38.04
N MET A 123 11.96 -0.22 36.91
CA MET A 123 13.00 0.79 36.72
C MET A 123 12.40 2.20 36.72
N SER A 124 11.31 2.40 35.97
CA SER A 124 10.68 3.72 35.96
C SER A 124 10.25 4.15 37.36
N THR A 125 9.66 3.25 38.14
CA THR A 125 9.19 3.59 39.47
C THR A 125 10.35 3.93 40.39
N ILE A 126 11.39 3.09 40.40
CA ILE A 126 12.51 3.30 41.31
C ILE A 126 13.26 4.57 40.94
N TYR A 127 13.31 4.92 39.66
CA TYR A 127 13.89 6.20 39.28
C TYR A 127 13.04 7.35 39.79
N SER A 128 11.72 7.29 39.57
CA SER A 128 10.84 8.40 39.91
C SER A 128 10.56 8.52 41.40
N THR A 129 11.00 7.57 42.23
CA THR A 129 10.70 7.63 43.66
C THR A 129 11.92 7.64 44.56
N GLY A 130 13.13 7.45 44.02
CA GLY A 130 14.31 7.36 44.87
C GLY A 130 14.62 8.62 45.64
N LYS A 131 14.92 8.46 46.93
CA LYS A 131 15.33 9.53 47.81
C LYS A 131 16.68 9.21 48.44
N VAL A 132 17.52 10.23 48.59
CA VAL A 132 18.76 10.12 49.34
C VAL A 132 18.64 11.02 50.57
N CYS A 133 19.06 10.49 51.72
CA CYS A 133 19.04 11.22 52.98
C CYS A 133 20.42 11.67 53.43
N ASN A 134 20.48 12.88 53.99
CA ASN A 134 21.72 13.48 54.44
C ASN A 134 22.18 12.73 55.68
N PRO A 135 23.36 12.10 55.67
CA PRO A 135 23.82 11.43 56.90
C PRO A 135 23.98 12.36 58.10
N ASP A 136 24.37 13.62 57.87
CA ASP A 136 24.51 14.55 58.98
C ASP A 136 23.18 14.83 59.67
N ASN A 137 22.08 14.79 58.92
CA ASN A 137 20.74 15.06 59.47
C ASN A 137 19.76 14.02 58.92
N PRO A 138 19.65 12.86 59.57
CA PRO A 138 18.89 11.76 58.99
C PRO A 138 17.38 12.00 58.92
N GLN A 139 16.86 13.11 59.44
CA GLN A 139 15.45 13.43 59.27
C GLN A 139 15.19 14.21 57.99
N GLU A 140 16.19 14.92 57.50
CA GLU A 140 16.12 15.63 56.22
C GLU A 140 16.42 14.66 55.08
N CYS A 141 15.44 14.45 54.20
CA CYS A 141 15.63 13.63 53.02
C CYS A 141 15.13 14.38 51.79
N LEU A 142 15.88 14.26 50.69
CA LEU A 142 15.58 14.98 49.45
C LEU A 142 15.52 14.00 48.30
N LEU A 143 14.61 14.24 47.37
CA LEU A 143 14.62 13.52 46.10
C LEU A 143 15.37 14.36 45.06
N LEU A 144 15.49 13.81 43.85
CA LEU A 144 16.30 14.46 42.82
C LEU A 144 15.76 15.85 42.46
N GLU A 145 14.45 15.96 42.29
CA GLU A 145 13.79 17.21 41.93
C GLU A 145 12.87 17.65 43.05
N PRO A 146 13.01 18.89 43.56
CA PRO A 146 13.91 19.91 43.00
C PRO A 146 15.23 20.06 43.74
N GLY A 147 15.41 19.29 44.81
CA GLY A 147 16.55 19.48 45.70
C GLY A 147 17.89 19.30 45.05
N LEU A 148 18.15 18.08 44.54
CA LEU A 148 19.46 17.80 43.96
C LEU A 148 19.76 18.68 42.75
N ASN A 149 18.73 19.01 41.97
CA ASN A 149 18.97 19.89 40.84
C ASN A 149 19.30 21.32 41.29
N GLU A 150 18.61 21.82 42.31
CA GLU A 150 18.94 23.15 42.83
C GLU A 150 20.34 23.20 43.42
N ILE A 151 20.72 22.17 44.20
CA ILE A 151 22.07 22.15 44.76
C ILE A 151 23.11 22.10 43.64
N MET A 152 22.99 21.14 42.71
CA MET A 152 23.97 21.05 41.63
C MET A 152 23.96 22.26 40.72
N ALA A 153 22.91 23.07 40.76
CA ALA A 153 22.87 24.24 39.90
C ALA A 153 23.48 25.47 40.57
N ASN A 154 23.28 25.63 41.88
CA ASN A 154 23.65 26.88 42.54
C ASN A 154 24.79 26.75 43.54
N SER A 155 25.09 25.55 44.04
CA SER A 155 26.12 25.42 45.06
C SER A 155 27.50 25.70 44.48
N LEU A 156 28.31 26.43 45.24
CA LEU A 156 29.72 26.66 44.93
C LEU A 156 30.67 25.90 45.85
N ASP A 157 30.15 24.96 46.64
CA ASP A 157 30.97 24.23 47.60
C ASP A 157 31.40 22.89 47.02
N TYR A 158 32.72 22.68 46.94
CA TYR A 158 33.26 21.48 46.32
C TYR A 158 32.80 20.22 47.05
N ASN A 159 32.90 20.22 48.38
CA ASN A 159 32.58 19.03 49.15
C ASN A 159 31.10 18.71 49.10
N GLU A 160 30.25 19.74 49.15
CA GLU A 160 28.81 19.51 49.10
C GLU A 160 28.40 18.93 47.75
N ARG A 161 28.94 19.48 46.65
CA ARG A 161 28.64 18.94 45.33
C ARG A 161 29.12 17.49 45.21
N LEU A 162 30.31 17.20 45.73
CA LEU A 162 30.80 15.82 45.67
C LEU A 162 29.93 14.88 46.48
N TRP A 163 29.46 15.33 47.64
CA TRP A 163 28.56 14.53 48.46
C TRP A 163 27.27 14.23 47.70
N ALA A 164 26.67 15.26 47.10
CA ALA A 164 25.43 15.05 46.35
C ALA A 164 25.65 14.04 45.22
N TRP A 165 26.70 14.25 44.43
CA TRP A 165 26.99 13.38 43.29
C TRP A 165 27.15 11.93 43.74
N GLU A 166 28.00 11.70 44.73
CA GLU A 166 28.29 10.33 45.13
C GLU A 166 27.11 9.68 45.82
N SER A 167 26.34 10.43 46.61
CA SER A 167 25.17 9.84 47.26
C SER A 167 24.13 9.42 46.23
N TRP A 168 23.79 10.34 45.31
CA TRP A 168 22.82 9.99 44.27
C TRP A 168 23.27 8.76 43.49
N ARG A 169 24.53 8.73 43.07
CA ARG A 169 24.98 7.62 42.22
C ARG A 169 25.02 6.32 43.01
N SER A 170 25.78 6.30 44.11
CA SER A 170 25.93 5.11 44.93
C SER A 170 24.62 4.64 45.54
N GLU A 171 23.56 5.44 45.47
CA GLU A 171 22.26 5.01 45.94
C GLU A 171 21.43 4.41 44.81
N VAL A 172 21.15 5.20 43.78
CA VAL A 172 20.21 4.75 42.76
C VAL A 172 20.83 3.75 41.77
N GLY A 173 22.09 3.95 41.37
CA GLY A 173 22.66 3.05 40.38
C GLY A 173 22.90 1.64 40.89
N LYS A 174 23.22 1.50 42.17
CA LYS A 174 23.40 0.17 42.75
C LYS A 174 22.10 -0.63 42.67
N GLN A 175 20.98 0.02 42.95
CA GLN A 175 19.68 -0.64 42.78
C GLN A 175 19.37 -0.89 41.31
N LEU A 176 19.77 0.02 40.42
CA LEU A 176 19.36 -0.09 39.02
C LEU A 176 20.13 -1.16 38.24
N ARG A 177 21.35 -1.50 38.66
CA ARG A 177 22.20 -2.40 37.87
C ARG A 177 21.54 -3.71 37.41
N PRO A 178 21.04 -4.57 38.31
CA PRO A 178 20.53 -5.87 37.82
C PRO A 178 19.28 -5.76 36.96
N LEU A 179 18.37 -4.86 37.31
CA LEU A 179 17.20 -4.62 36.45
C LEU A 179 17.63 -4.27 35.04
N TYR A 180 18.70 -3.49 34.91
CA TYR A 180 19.17 -3.11 33.58
C TYR A 180 19.84 -4.30 32.89
N GLU A 181 20.49 -5.17 33.65
CA GLU A 181 21.07 -6.37 33.07
C GLU A 181 19.99 -7.26 32.44
N GLU A 182 18.91 -7.53 33.18
CA GLU A 182 17.81 -8.32 32.61
C GLU A 182 17.13 -7.58 31.46
N TYR A 183 17.01 -6.25 31.57
CA TYR A 183 16.43 -5.48 30.47
C TYR A 183 17.24 -5.66 29.18
N VAL A 184 18.57 -5.59 29.29
CA VAL A 184 19.42 -5.77 28.12
C VAL A 184 19.20 -7.16 27.52
N VAL A 185 19.20 -8.19 28.37
CA VAL A 185 19.12 -9.55 27.81
C VAL A 185 17.78 -9.80 27.14
N LEU A 186 16.68 -9.35 27.75
CA LEU A 186 15.37 -9.55 27.15
C LEU A 186 15.19 -8.73 25.88
N LYS A 187 15.65 -7.48 25.88
CA LYS A 187 15.52 -6.67 24.68
C LYS A 187 16.33 -7.23 23.52
N ASN A 188 17.52 -7.80 23.81
CA ASN A 188 18.29 -8.41 22.74
C ASN A 188 17.62 -9.67 22.20
N GLU A 189 17.05 -10.49 23.09
CA GLU A 189 16.26 -11.63 22.63
C GLU A 189 15.13 -11.19 21.71
N MET A 190 14.39 -10.17 22.13
CA MET A 190 13.26 -9.69 21.32
C MET A 190 13.74 -9.20 19.96
N ALA A 191 14.77 -8.34 19.95
CA ALA A 191 15.22 -7.76 18.69
C ALA A 191 15.75 -8.82 17.74
N ARG A 192 16.48 -9.81 18.26
CA ARG A 192 16.98 -10.87 17.39
C ARG A 192 15.84 -11.71 16.85
N ALA A 193 14.82 -11.97 17.67
CA ALA A 193 13.67 -12.73 17.22
C ALA A 193 12.89 -12.03 16.11
N ASN A 194 12.92 -10.69 16.04
CA ASN A 194 12.24 -9.96 14.99
C ASN A 194 13.18 -9.67 13.80
N HIS A 195 14.13 -10.58 13.54
CA HIS A 195 15.00 -10.52 12.36
C HIS A 195 15.88 -9.27 12.33
N TYR A 196 16.38 -8.84 13.49
CA TYR A 196 17.36 -7.77 13.56
C TYR A 196 18.64 -8.31 14.18
N GLU A 197 19.73 -7.57 14.02
CA GLU A 197 21.01 -8.00 14.60
C GLU A 197 20.98 -7.83 16.11
N ASP A 198 20.55 -6.67 16.58
CA ASP A 198 20.39 -6.39 18.00
C ASP A 198 19.45 -5.20 18.16
N TYR A 199 19.19 -4.83 19.41
CA TYR A 199 18.29 -3.70 19.68
C TYR A 199 18.85 -2.38 19.18
N GLY A 200 20.18 -2.22 19.20
CA GLY A 200 20.78 -1.03 18.63
C GLY A 200 20.54 -0.92 17.14
N ASP A 201 20.60 -2.05 16.42
CA ASP A 201 20.25 -2.05 15.01
C ASP A 201 18.78 -1.67 14.81
N TYR A 202 17.92 -2.16 15.69
CA TYR A 202 16.51 -1.75 15.68
C TYR A 202 16.38 -0.24 15.76
N TRP A 203 17.06 0.37 16.74
CA TRP A 203 17.01 1.82 16.90
C TRP A 203 17.53 2.55 15.67
N ARG A 204 18.67 2.11 15.14
CA ARG A 204 19.21 2.74 13.93
C ARG A 204 18.31 2.54 12.72
N GLY A 205 17.42 1.56 12.75
CA GLY A 205 16.50 1.35 11.64
C GLY A 205 15.60 2.53 11.31
N ASP A 206 15.44 3.47 12.25
CA ASP A 206 14.62 4.65 11.99
C ASP A 206 15.13 5.46 10.80
N TYR A 207 16.43 5.46 10.55
CA TYR A 207 17.03 6.23 9.47
C TYR A 207 17.16 5.47 8.16
N GLU A 208 16.73 4.20 8.11
CA GLU A 208 16.95 3.40 6.92
C GLU A 208 16.01 3.81 5.80
N VAL A 209 16.55 3.89 4.58
CA VAL A 209 15.76 4.08 3.37
C VAL A 209 16.15 2.99 2.39
N ASN A 210 15.15 2.23 1.92
CA ASN A 210 15.40 1.03 1.11
C ASN A 210 14.35 0.88 0.01
N GLY A 211 14.76 1.21 -1.23
CA GLY A 211 13.88 1.02 -2.37
C GLY A 211 13.96 2.08 -3.43
N VAL A 212 14.38 3.30 -3.07
CA VAL A 212 14.48 4.40 -4.01
C VAL A 212 15.93 4.49 -4.47
N ASP A 213 16.15 4.25 -5.76
CA ASP A 213 17.50 4.27 -6.30
C ASP A 213 18.08 5.67 -6.24
N GLY A 214 19.31 5.77 -5.71
CA GLY A 214 19.98 7.04 -5.55
C GLY A 214 19.72 7.75 -4.25
N TYR A 215 18.82 7.20 -3.41
CA TYR A 215 18.47 7.78 -2.11
C TYR A 215 18.53 6.76 -0.99
N ASP A 216 19.07 5.57 -1.23
CA ASP A 216 19.11 4.55 -0.20
C ASP A 216 20.02 4.98 0.94
N TYR A 217 19.92 4.24 2.05
CA TYR A 217 20.66 4.57 3.26
C TYR A 217 20.62 3.39 4.22
N SER A 218 21.77 2.79 4.50
CA SER A 218 21.84 1.64 5.38
C SER A 218 21.94 2.08 6.84
N ARG A 219 21.88 1.09 7.74
CA ARG A 219 21.92 1.40 9.17
C ARG A 219 23.33 1.62 9.70
N GLY A 220 24.36 1.21 8.96
CA GLY A 220 25.73 1.47 9.37
C GLY A 220 26.26 2.78 8.85
N GLN A 221 25.66 3.26 7.75
CA GLN A 221 26.00 4.59 7.25
C GLN A 221 25.74 5.66 8.30
N LEU A 222 24.78 5.43 9.19
CA LEU A 222 24.54 6.37 10.28
C LEU A 222 25.74 6.45 11.21
N ILE A 223 26.29 5.30 11.60
CA ILE A 223 27.47 5.29 12.46
C ILE A 223 28.64 5.98 11.75
N GLU A 224 28.84 5.63 10.48
CA GLU A 224 29.92 6.24 9.70
C GLU A 224 29.80 7.76 9.70
N ASP A 225 28.59 8.28 9.42
CA ASP A 225 28.40 9.71 9.32
C ASP A 225 28.57 10.39 10.67
N VAL A 226 28.04 9.79 11.73
CA VAL A 226 28.16 10.39 13.06
C VAL A 226 29.62 10.51 13.46
N GLU A 227 30.42 9.47 13.19
CA GLU A 227 31.83 9.54 13.56
C GLU A 227 32.57 10.55 12.70
N HIS A 228 32.29 10.56 11.40
CA HIS A 228 32.94 11.50 10.49
C HIS A 228 32.65 12.94 10.88
N THR A 229 31.44 13.22 11.39
CA THR A 229 31.10 14.59 11.75
C THR A 229 31.65 14.98 13.12
N PHE A 230 31.68 14.05 14.08
CA PHE A 230 32.30 14.38 15.35
C PHE A 230 33.79 14.66 15.18
N GLU A 231 34.42 13.98 14.22
CA GLU A 231 35.82 14.29 13.92
C GLU A 231 36.02 15.76 13.56
N GLU A 232 35.13 16.30 12.72
CA GLU A 232 35.24 17.71 12.35
C GLU A 232 34.83 18.64 13.49
N ILE A 233 33.93 18.21 14.38
CA ILE A 233 33.55 19.06 15.51
C ILE A 233 34.65 19.15 16.56
N LYS A 234 35.52 18.14 16.65
CA LYS A 234 36.49 18.04 17.74
C LYS A 234 37.27 19.31 18.08
N PRO A 235 37.85 20.06 17.12
CA PRO A 235 38.73 21.18 17.53
C PRO A 235 38.03 22.31 18.28
N LEU A 236 36.85 22.73 17.81
CA LEU A 236 36.10 23.77 18.51
C LEU A 236 35.81 23.35 19.95
N TYR A 237 35.41 22.10 20.14
CA TYR A 237 35.15 21.60 21.49
C TYR A 237 36.43 21.59 22.32
N GLU A 238 37.56 21.23 21.71
CA GLU A 238 38.82 21.24 22.45
C GLU A 238 39.15 22.64 22.96
N HIS A 239 38.97 23.66 22.12
CA HIS A 239 39.29 25.02 22.56
C HIS A 239 38.31 25.52 23.62
N LEU A 240 37.02 25.24 23.44
CA LEU A 240 36.05 25.58 24.48
C LEU A 240 36.37 24.89 25.80
N HIS A 241 36.78 23.62 25.73
CA HIS A 241 37.13 22.88 26.93
C HIS A 241 38.32 23.51 27.64
N ALA A 242 39.35 23.89 26.87
CA ALA A 242 40.50 24.54 27.50
C ALA A 242 40.10 25.84 28.19
N TYR A 243 39.28 26.66 27.52
CA TYR A 243 38.85 27.92 28.13
C TYR A 243 38.07 27.68 29.42
N VAL A 244 37.11 26.75 29.39
CA VAL A 244 36.32 26.46 30.58
C VAL A 244 37.20 25.90 31.69
N ARG A 245 38.22 25.11 31.32
CA ARG A 245 39.12 24.55 32.33
C ARG A 245 39.88 25.66 33.03
N ALA A 246 40.39 26.63 32.26
CA ALA A 246 41.08 27.76 32.87
C ALA A 246 40.15 28.53 33.81
N LYS A 247 38.93 28.84 33.34
CA LYS A 247 38.01 29.60 34.18
C LYS A 247 37.64 28.84 35.46
N LEU A 248 37.52 27.51 35.37
CA LEU A 248 37.21 26.75 36.57
C LEU A 248 38.41 26.66 37.51
N MET A 249 39.62 26.64 36.95
CA MET A 249 40.82 26.76 37.79
C MET A 249 40.79 28.08 38.54
N ASN A 250 40.36 29.15 37.87
CA ASN A 250 40.18 30.43 38.55
C ASN A 250 39.07 30.34 39.60
N ALA A 251 38.11 29.42 39.42
CA ALA A 251 36.99 29.34 40.34
C ALA A 251 37.22 28.41 41.52
N TYR A 252 37.97 27.32 41.35
CA TYR A 252 38.28 26.38 42.42
C TYR A 252 39.79 26.21 42.49
N PRO A 253 40.49 27.19 43.06
CA PRO A 253 41.96 27.12 43.11
C PRO A 253 42.45 25.94 43.94
N SER A 254 43.54 25.33 43.48
CA SER A 254 44.25 24.20 44.08
C SER A 254 43.50 22.88 43.98
N TYR A 255 42.34 22.84 43.31
CA TYR A 255 41.58 21.60 43.17
C TYR A 255 41.65 21.01 41.77
N ILE A 256 42.11 21.76 40.77
CA ILE A 256 42.08 21.34 39.38
C ILE A 256 43.48 21.47 38.82
N SER A 257 43.96 20.41 38.18
CA SER A 257 45.25 20.43 37.51
C SER A 257 45.16 21.18 36.18
N PRO A 258 46.17 21.99 35.85
CA PRO A 258 46.13 22.74 34.58
C PRO A 258 46.26 21.86 33.35
N ILE A 259 46.50 20.56 33.51
CA ILE A 259 46.66 19.65 32.38
C ILE A 259 45.67 18.50 32.42
N GLY A 260 44.81 18.42 33.44
CA GLY A 260 43.92 17.31 33.61
C GLY A 260 42.50 17.60 33.12
N CYS A 261 41.69 16.54 33.15
CA CYS A 261 40.27 16.62 32.81
C CYS A 261 39.48 17.32 33.91
N LEU A 262 38.29 17.78 33.55
CA LEU A 262 37.42 18.45 34.51
C LEU A 262 36.71 17.42 35.40
N PRO A 263 36.71 17.60 36.71
CA PRO A 263 35.92 16.72 37.58
C PRO A 263 34.45 16.72 37.21
N ALA A 264 33.86 15.52 37.16
CA ALA A 264 32.53 15.36 36.58
C ALA A 264 31.42 16.09 37.34
N HIS A 265 31.62 16.40 38.61
CA HIS A 265 30.56 16.97 39.41
C HIS A 265 30.61 18.50 39.48
N LEU A 266 31.46 19.13 38.67
CA LEU A 266 31.60 20.58 38.64
C LEU A 266 31.15 21.18 37.32
N LEU A 267 30.32 20.46 36.56
CA LEU A 267 30.04 20.85 35.19
C LEU A 267 28.76 21.66 35.03
N GLY A 268 27.95 21.80 36.08
CA GLY A 268 26.78 22.65 36.03
C GLY A 268 25.46 21.94 36.18
N ASP A 269 25.41 20.63 35.95
CA ASP A 269 24.18 19.89 36.22
C ASP A 269 24.57 18.52 36.77
N MET A 270 23.57 17.65 36.95
CA MET A 270 23.78 16.36 37.61
C MET A 270 24.69 15.44 36.81
N TRP A 271 24.79 15.64 35.50
CA TRP A 271 25.53 14.75 34.62
C TRP A 271 26.51 15.45 33.70
N GLY A 272 26.38 16.76 33.50
CA GLY A 272 27.15 17.45 32.47
C GLY A 272 26.55 17.46 31.10
N ARG A 273 25.27 17.11 30.96
CA ARG A 273 24.62 17.15 29.65
C ARG A 273 24.62 18.55 29.05
N PHE A 274 24.50 19.58 29.88
CA PHE A 274 24.57 20.97 29.44
C PHE A 274 25.49 21.74 30.38
N TRP A 275 26.39 22.54 29.79
CA TRP A 275 27.22 23.46 30.56
C TRP A 275 26.60 24.84 30.68
N THR A 276 25.27 24.93 30.59
CA THR A 276 24.58 26.21 30.57
C THR A 276 24.83 27.02 31.84
N ASN A 277 24.84 26.35 32.99
CA ASN A 277 24.92 27.05 34.27
C ASN A 277 26.33 27.51 34.63
N LEU A 278 27.28 27.41 33.71
CA LEU A 278 28.60 27.99 33.92
C LEU A 278 28.75 29.40 33.35
N TYR A 279 27.67 29.97 32.79
CA TYR A 279 27.80 31.27 32.14
C TYR A 279 28.12 32.37 33.14
N SER A 280 27.54 32.30 34.33
CA SER A 280 27.82 33.31 35.35
C SER A 280 29.28 33.25 35.80
N LEU A 281 29.90 32.08 35.69
CA LEU A 281 31.28 31.87 36.11
C LEU A 281 32.28 32.02 34.97
N THR A 282 31.82 32.09 33.72
CA THR A 282 32.71 32.09 32.56
C THR A 282 32.47 33.27 31.63
N VAL A 283 31.63 34.24 32.00
CA VAL A 283 31.28 35.34 31.09
C VAL A 283 32.55 36.09 30.68
N PRO A 284 32.81 36.26 29.39
CA PRO A 284 34.04 36.97 28.98
C PRO A 284 34.13 38.40 29.48
N PHE A 285 33.10 39.23 29.24
CA PHE A 285 33.10 40.65 29.59
C PHE A 285 31.87 40.95 30.45
N GLY A 286 32.00 40.70 31.75
CA GLY A 286 30.92 41.00 32.68
C GLY A 286 30.62 42.48 32.84
N GLN A 287 31.44 43.36 32.26
CA GLN A 287 31.19 44.79 32.37
C GLN A 287 30.03 45.25 31.51
N LYS A 288 29.80 44.59 30.37
CA LYS A 288 28.70 44.99 29.50
C LYS A 288 27.35 44.57 30.09
N PRO A 289 26.31 45.37 29.87
CA PRO A 289 24.96 44.96 30.27
C PRO A 289 24.43 43.84 29.39
N ASN A 290 23.67 42.94 30.00
CA ASN A 290 23.09 41.80 29.31
C ASN A 290 21.78 42.21 28.65
N ILE A 291 21.52 41.66 27.47
CA ILE A 291 20.30 41.97 26.73
C ILE A 291 19.14 41.13 27.27
N ASP A 292 18.67 41.47 28.46
CA ASP A 292 17.47 40.87 29.06
C ASP A 292 16.33 41.88 28.93
N VAL A 293 15.39 41.59 28.05
CA VAL A 293 14.33 42.53 27.70
C VAL A 293 13.09 42.26 28.55
N THR A 294 13.24 41.50 29.63
CA THR A 294 12.11 41.19 30.50
C THR A 294 11.49 42.44 31.09
N ASP A 295 12.30 43.38 31.58
CA ASP A 295 11.78 44.57 32.22
C ASP A 295 11.00 45.45 31.25
N ALA A 296 11.43 45.53 29.99
CA ALA A 296 10.68 46.29 29.01
C ALA A 296 9.30 45.67 28.76
N MET A 297 9.24 44.35 28.64
CA MET A 297 7.97 43.66 28.47
C MET A 297 7.06 43.90 29.68
N VAL A 298 7.63 43.84 30.89
CA VAL A 298 6.83 43.99 32.10
C VAL A 298 6.30 45.41 32.23
N ASP A 299 7.10 46.41 31.85
CA ASP A 299 6.68 47.80 32.00
C ASP A 299 5.63 48.21 30.98
N GLN A 300 5.53 47.52 29.84
CA GLN A 300 4.48 47.80 28.87
C GLN A 300 3.20 47.02 29.13
N ALA A 301 3.12 46.32 30.27
CA ALA A 301 1.91 45.61 30.69
C ALA A 301 1.49 44.54 29.68
N TRP A 302 2.47 43.82 29.15
CA TRP A 302 2.18 42.69 28.28
C TRP A 302 1.57 41.52 29.06
N ASP A 303 0.77 40.73 28.36
CA ASP A 303 0.16 39.52 28.90
C ASP A 303 0.39 38.38 27.91
N ALA A 304 -0.09 37.19 28.28
CA ALA A 304 0.07 36.02 27.41
C ALA A 304 -0.61 36.21 26.07
N GLN A 305 -1.78 36.86 26.07
CA GLN A 305 -2.45 37.21 24.82
C GLN A 305 -1.52 37.95 23.87
N ARG A 306 -0.88 39.02 24.37
CA ARG A 306 0.00 39.82 23.53
C ARG A 306 1.19 39.00 23.04
N ILE A 307 1.77 38.16 23.90
CA ILE A 307 2.92 37.34 23.52
C ILE A 307 2.55 36.43 22.36
N PHE A 308 1.43 35.70 22.49
CA PHE A 308 1.06 34.78 21.43
C PHE A 308 0.59 35.51 20.18
N LYS A 309 0.00 36.71 20.32
CA LYS A 309 -0.33 37.50 19.15
C LYS A 309 0.92 37.90 18.39
N GLU A 310 1.98 38.25 19.11
CA GLU A 310 3.23 38.62 18.45
C GLU A 310 3.87 37.42 17.76
N ALA A 311 3.84 36.25 18.41
CA ALA A 311 4.36 35.05 17.76
C ALA A 311 3.57 34.73 16.49
N GLU A 312 2.23 34.85 16.54
CA GLU A 312 1.42 34.62 15.35
C GLU A 312 1.75 35.61 14.25
N LYS A 313 1.94 36.89 14.61
CA LYS A 313 2.32 37.88 13.61
C LYS A 313 3.67 37.55 12.99
N PHE A 314 4.61 37.05 13.79
CA PHE A 314 5.90 36.64 13.24
C PHE A 314 5.73 35.53 12.21
N PHE A 315 4.95 34.50 12.56
CA PHE A 315 4.80 33.38 11.63
C PHE A 315 4.01 33.77 10.38
N VAL A 316 3.02 34.66 10.51
CA VAL A 316 2.28 35.11 9.34
C VAL A 316 3.15 35.99 8.44
N SER A 317 4.11 36.73 9.02
CA SER A 317 4.93 37.63 8.22
C SER A 317 5.82 36.92 7.21
N VAL A 318 6.00 35.61 7.30
CA VAL A 318 6.86 34.88 6.38
C VAL A 318 6.06 34.01 5.41
N GLY A 319 4.75 34.18 5.35
CA GLY A 319 3.94 33.46 4.38
C GLY A 319 3.26 32.21 4.86
N LEU A 320 3.19 31.98 6.16
CA LEU A 320 2.52 30.80 6.71
C LEU A 320 1.12 31.16 7.17
N PRO A 321 0.21 30.20 7.27
CA PRO A 321 -1.18 30.52 7.60
C PRO A 321 -1.37 30.94 9.05
N ASN A 322 -2.49 31.62 9.29
CA ASN A 322 -2.95 31.92 10.64
C ASN A 322 -3.23 30.62 11.42
N MET A 323 -3.41 30.79 12.73
CA MET A 323 -4.03 29.78 13.56
C MET A 323 -5.56 29.78 13.46
N THR A 324 -6.14 28.62 13.68
CA THR A 324 -7.58 28.44 13.60
C THR A 324 -8.25 29.05 14.82
N GLN A 325 -9.49 29.52 14.64
CA GLN A 325 -10.28 30.01 15.75
C GLN A 325 -10.45 28.96 16.84
N GLY A 326 -10.48 27.67 16.47
CA GLY A 326 -10.52 26.63 17.47
C GLY A 326 -9.32 26.62 18.39
N PHE A 327 -8.13 26.92 17.86
CA PHE A 327 -6.95 27.04 18.69
C PHE A 327 -7.13 28.12 19.75
N TRP A 328 -7.56 29.31 19.33
CA TRP A 328 -7.73 30.40 20.28
C TRP A 328 -8.87 30.14 21.26
N GLU A 329 -9.85 29.33 20.87
CA GLU A 329 -11.00 29.06 21.74
C GLU A 329 -10.78 27.92 22.73
N ASN A 330 -9.96 26.92 22.40
CA ASN A 330 -9.87 25.72 23.22
C ASN A 330 -8.56 25.59 23.99
N SER A 331 -7.52 26.33 23.60
CA SER A 331 -6.24 26.25 24.28
C SER A 331 -6.35 26.84 25.69
N MET A 332 -5.46 26.37 26.57
CA MET A 332 -5.35 26.90 27.92
C MET A 332 -3.97 27.54 28.05
N LEU A 333 -3.93 28.88 28.06
CA LEU A 333 -2.69 29.63 27.97
C LEU A 333 -2.27 30.24 29.30
N THR A 334 -3.05 30.08 30.37
CA THR A 334 -2.69 30.61 31.68
C THR A 334 -2.95 29.55 32.74
N ASP A 335 -2.26 29.70 33.86
CA ASP A 335 -2.45 28.83 35.02
C ASP A 335 -3.87 28.96 35.55
N PRO A 336 -4.63 27.86 35.67
CA PRO A 336 -6.03 27.98 36.12
C PRO A 336 -6.17 28.37 37.58
N GLY A 337 -5.08 28.43 38.33
CA GLY A 337 -5.11 28.87 39.71
C GLY A 337 -4.92 27.72 40.69
N ASN A 338 -5.30 27.98 41.94
CA ASN A 338 -5.09 27.02 43.01
C ASN A 338 -6.19 25.96 43.06
N VAL A 339 -7.40 26.31 42.64
CA VAL A 339 -8.52 25.38 42.69
C VAL A 339 -8.34 24.23 41.71
N GLN A 340 -7.70 24.49 40.56
CA GLN A 340 -7.56 23.50 39.50
C GLN A 340 -6.08 23.31 39.18
N LYS A 341 -5.53 22.16 39.58
CA LYS A 341 -4.12 21.87 39.36
C LYS A 341 -3.96 21.16 38.02
N ALA A 342 -2.94 21.56 37.27
CA ALA A 342 -2.70 21.04 35.94
C ALA A 342 -1.21 20.80 35.74
N VAL A 343 -0.88 20.15 34.63
CA VAL A 343 0.51 19.90 34.27
C VAL A 343 0.99 21.06 33.40
N CYS A 344 2.11 21.67 33.79
CA CYS A 344 2.56 22.93 33.20
C CYS A 344 3.71 22.75 32.22
N HIS A 345 4.13 21.52 31.96
CA HIS A 345 5.14 21.25 30.94
C HIS A 345 4.64 21.70 29.57
N PRO A 346 5.35 22.59 28.87
CA PRO A 346 4.87 23.07 27.57
C PRO A 346 4.77 21.94 26.56
N THR A 347 3.59 21.79 25.97
CA THR A 347 3.31 20.72 25.02
C THR A 347 2.50 21.26 23.86
N ALA A 348 2.72 20.69 22.68
CA ALA A 348 1.97 21.03 21.47
C ALA A 348 1.09 19.83 21.10
N TRP A 349 -0.21 20.01 21.19
CA TRP A 349 -1.18 18.93 21.03
C TRP A 349 -1.74 18.91 19.61
N ASP A 350 -1.61 17.76 18.95
CA ASP A 350 -2.28 17.48 17.69
C ASP A 350 -3.39 16.47 17.98
N LEU A 351 -4.58 16.98 18.28
CA LEU A 351 -5.68 16.13 18.70
C LEU A 351 -6.30 15.36 17.53
N GLY A 352 -6.05 15.78 16.30
CA GLY A 352 -6.72 15.24 15.14
C GLY A 352 -7.99 16.00 14.81
N LYS A 353 -8.53 15.68 13.64
CA LYS A 353 -9.73 16.34 13.10
C LYS A 353 -9.57 17.86 13.08
N GLY A 354 -8.36 18.32 12.80
CA GLY A 354 -8.07 19.74 12.72
C GLY A 354 -8.12 20.51 14.02
N ASP A 355 -8.13 19.85 15.16
CA ASP A 355 -8.18 20.52 16.45
C ASP A 355 -6.76 20.64 17.00
N PHE A 356 -6.29 21.87 17.17
CA PHE A 356 -4.93 22.11 17.66
C PHE A 356 -4.95 23.05 18.86
N ARG A 357 -4.25 22.68 19.92
CA ARG A 357 -4.16 23.48 21.14
C ARG A 357 -2.73 23.44 21.65
N ILE A 358 -2.43 24.37 22.56
CA ILE A 358 -1.15 24.39 23.27
C ILE A 358 -1.39 24.52 24.77
N LEU A 359 -0.74 23.67 25.56
CA LEU A 359 -0.82 23.68 27.01
C LEU A 359 0.52 24.16 27.58
N MET A 360 0.52 25.34 28.19
CA MET A 360 1.76 25.92 28.72
C MET A 360 1.38 26.99 29.74
N CYS A 361 2.02 26.94 30.91
CA CYS A 361 1.79 27.92 31.98
C CYS A 361 2.76 29.09 31.88
N THR A 362 2.49 29.93 30.89
CA THR A 362 3.43 30.99 30.50
C THR A 362 3.57 32.05 31.59
N LYS A 363 4.81 32.42 31.90
CA LYS A 363 5.13 33.59 32.68
C LYS A 363 5.58 34.72 31.76
N VAL A 364 5.62 35.93 32.30
CA VAL A 364 5.98 37.11 31.50
C VAL A 364 7.50 37.24 31.58
N THR A 365 8.18 36.43 30.77
CA THR A 365 9.63 36.40 30.72
C THR A 365 10.07 36.22 29.27
N MET A 366 11.32 36.61 28.98
CA MET A 366 11.85 36.45 27.64
C MET A 366 11.96 34.97 27.25
N ASP A 367 12.32 34.12 28.21
CA ASP A 367 12.39 32.68 27.95
C ASP A 367 11.05 32.14 27.50
N ASP A 368 9.97 32.57 28.14
CA ASP A 368 8.64 32.10 27.74
C ASP A 368 8.25 32.66 26.38
N PHE A 369 8.71 33.87 26.06
CA PHE A 369 8.53 34.41 24.71
C PHE A 369 9.16 33.49 23.67
N LEU A 370 10.43 33.13 23.89
CA LEU A 370 11.14 32.26 22.95
C LEU A 370 10.48 30.89 22.87
N THR A 371 10.05 30.34 24.01
CA THR A 371 9.43 29.02 23.98
C THR A 371 8.05 29.07 23.34
N ALA A 372 7.36 30.21 23.41
CA ALA A 372 6.11 30.36 22.67
C ALA A 372 6.37 30.33 21.17
N HIS A 373 7.43 31.01 20.72
CA HIS A 373 7.83 30.90 19.32
C HIS A 373 8.13 29.45 18.94
N HIS A 374 8.84 28.73 19.81
CA HIS A 374 9.21 27.35 19.55
C HIS A 374 7.98 26.46 19.41
N GLU A 375 7.06 26.56 20.37
CA GLU A 375 5.87 25.71 20.36
C GLU A 375 4.97 26.05 19.18
N MET A 376 4.88 27.32 18.82
CA MET A 376 4.09 27.69 17.65
C MET A 376 4.73 27.20 16.36
N GLY A 377 6.06 27.09 16.33
CA GLY A 377 6.70 26.41 15.20
C GLY A 377 6.32 24.95 15.11
N HIS A 378 6.34 24.25 16.26
CA HIS A 378 5.81 22.89 16.31
C HIS A 378 4.39 22.81 15.75
N ILE A 379 3.51 23.70 16.19
CA ILE A 379 2.11 23.64 15.76
C ILE A 379 2.02 23.88 14.25
N GLN A 380 2.85 24.78 13.72
CA GLN A 380 2.83 25.01 12.27
C GLN A 380 3.28 23.77 11.51
N TYR A 381 4.33 23.10 12.00
CA TYR A 381 4.72 21.82 11.42
C TYR A 381 3.54 20.84 11.38
N ASP A 382 2.86 20.70 12.52
CA ASP A 382 1.74 19.75 12.59
C ASP A 382 0.62 20.13 11.62
N MET A 383 0.31 21.42 11.53
CA MET A 383 -0.71 21.90 10.60
C MET A 383 -0.35 21.65 9.15
N ALA A 384 0.94 21.70 8.80
CA ALA A 384 1.30 21.64 7.38
C ALA A 384 1.07 20.27 6.74
N TYR A 385 1.25 19.18 7.49
CA TYR A 385 1.04 17.83 6.94
C TYR A 385 -0.29 17.22 7.34
N ALA A 386 -1.32 18.04 7.58
CA ALA A 386 -2.59 17.49 8.05
C ALA A 386 -3.34 16.73 6.96
N ALA A 387 -3.11 17.07 5.69
CA ALA A 387 -3.82 16.40 4.60
C ALA A 387 -3.25 15.03 4.24
N GLN A 388 -2.10 14.65 4.81
CA GLN A 388 -1.55 13.33 4.56
C GLN A 388 -2.39 12.24 5.23
N PRO A 389 -2.36 11.02 4.71
CA PRO A 389 -3.00 9.90 5.41
C PRO A 389 -2.43 9.70 6.80
N PHE A 390 -3.20 9.02 7.64
CA PHE A 390 -2.92 8.93 9.07
C PHE A 390 -1.49 8.49 9.35
N LEU A 391 -1.10 7.30 8.89
CA LEU A 391 0.21 6.75 9.22
C LEU A 391 1.37 7.53 8.62
N LEU A 392 1.09 8.53 7.78
CA LEU A 392 2.12 9.38 7.21
C LEU A 392 2.17 10.76 7.86
N ARG A 393 1.37 10.99 8.91
CA ARG A 393 1.38 12.26 9.62
C ARG A 393 2.45 12.23 10.69
N ASN A 394 3.68 12.54 10.30
CA ASN A 394 4.83 12.48 11.19
C ASN A 394 6.01 13.14 10.48
N GLY A 395 7.00 13.54 11.28
CA GLY A 395 8.19 14.14 10.72
C GLY A 395 8.97 13.18 9.84
N ALA A 396 9.75 13.77 8.94
CA ALA A 396 10.54 12.96 7.99
C ALA A 396 11.39 11.93 8.72
N ASN A 397 12.08 12.36 9.78
CA ASN A 397 12.66 11.45 10.74
C ASN A 397 12.48 12.05 12.12
N GLU A 398 13.13 11.46 13.12
CA GLU A 398 12.92 11.86 14.51
C GLU A 398 13.52 13.22 14.85
N GLY A 399 14.36 13.79 13.99
CA GLY A 399 14.99 15.07 14.31
C GLY A 399 14.34 16.32 13.73
N PHE A 400 13.37 16.17 12.83
CA PHE A 400 12.89 17.31 12.06
C PHE A 400 12.05 18.29 12.89
N HIS A 401 11.17 17.77 13.76
CA HIS A 401 10.29 18.65 14.54
C HIS A 401 11.11 19.59 15.42
N GLU A 402 12.08 19.04 16.16
CA GLU A 402 12.88 19.85 17.05
C GLU A 402 13.75 20.84 16.27
N ALA A 403 14.23 20.42 15.08
CA ALA A 403 15.00 21.33 14.25
C ALA A 403 14.17 22.53 13.81
N VAL A 404 12.91 22.29 13.43
CA VAL A 404 12.04 23.38 13.00
C VAL A 404 11.75 24.32 14.16
N GLY A 405 11.35 23.77 15.31
CA GLY A 405 11.15 24.62 16.48
C GLY A 405 12.38 25.43 16.84
N GLU A 406 13.56 24.82 16.72
CA GLU A 406 14.79 25.49 17.14
C GLU A 406 15.19 26.58 16.15
N ILE A 407 14.96 26.38 14.85
CA ILE A 407 15.26 27.47 13.91
C ILE A 407 14.30 28.62 14.11
N MET A 408 13.03 28.33 14.41
CA MET A 408 12.11 29.40 14.79
C MET A 408 12.65 30.20 15.98
N SER A 409 13.09 29.50 17.03
CA SER A 409 13.54 30.20 18.22
C SER A 409 14.83 30.99 17.96
N LEU A 410 15.72 30.44 17.12
CA LEU A 410 16.93 31.17 16.74
C LEU A 410 16.58 32.47 16.02
N SER A 411 15.70 32.39 15.01
CA SER A 411 15.29 33.59 14.29
C SER A 411 14.65 34.60 15.23
N ALA A 412 13.84 34.13 16.20
CA ALA A 412 13.17 35.02 17.13
C ALA A 412 14.13 35.67 18.12
N ALA A 413 15.26 35.04 18.41
CA ALA A 413 16.18 35.56 19.43
C ALA A 413 17.10 36.66 18.94
N THR A 414 17.23 36.87 17.63
CA THR A 414 18.15 37.89 17.12
C THR A 414 17.76 39.28 17.62
N PRO A 415 18.75 40.13 17.93
CA PRO A 415 18.44 41.48 18.42
C PRO A 415 17.71 42.37 17.41
N LYS A 416 17.91 42.15 16.12
CA LYS A 416 17.19 42.93 15.12
C LYS A 416 15.68 42.78 15.27
N HIS A 417 15.19 41.55 15.44
CA HIS A 417 13.77 41.35 15.66
C HIS A 417 13.29 42.04 16.93
N LEU A 418 14.04 41.92 18.02
CA LEU A 418 13.65 42.56 19.27
C LEU A 418 13.57 44.08 19.11
N LYS A 419 14.49 44.67 18.34
CA LYS A 419 14.43 46.10 18.10
C LYS A 419 13.23 46.47 17.24
N SER A 420 13.02 45.75 16.13
CA SER A 420 11.93 46.05 15.22
C SER A 420 10.55 45.87 15.86
N ILE A 421 10.44 44.96 16.84
CA ILE A 421 9.16 44.76 17.51
C ILE A 421 8.89 45.85 18.56
N GLY A 422 9.91 46.58 18.99
CA GLY A 422 9.74 47.69 19.89
C GLY A 422 9.91 47.42 21.36
N LEU A 423 10.46 46.26 21.74
CA LEU A 423 10.75 46.00 23.14
C LEU A 423 12.17 46.39 23.53
N LEU A 424 13.04 46.66 22.55
CA LEU A 424 14.39 47.13 22.80
C LEU A 424 14.56 48.52 22.22
N SER A 425 15.32 49.36 22.93
CA SER A 425 15.49 50.75 22.52
C SER A 425 16.15 50.81 21.14
N PRO A 426 15.73 51.76 20.28
CA PRO A 426 16.38 51.90 18.97
C PRO A 426 17.83 52.31 19.05
N ASP A 427 18.26 52.97 20.12
CA ASP A 427 19.64 53.40 20.30
C ASP A 427 20.48 52.39 21.07
N PHE A 428 20.17 51.10 20.95
CA PHE A 428 21.01 50.05 21.53
C PHE A 428 22.19 49.76 20.60
N GLN A 429 23.40 50.05 21.08
CA GLN A 429 24.59 49.89 20.27
C GLN A 429 25.05 48.43 20.29
N GLU A 430 25.26 47.86 19.10
CA GLU A 430 25.73 46.48 18.96
C GLU A 430 27.24 46.49 18.81
N ASP A 431 27.95 46.45 19.93
CA ASP A 431 29.40 46.33 19.88
C ASP A 431 29.80 44.93 19.39
N ASN A 432 31.10 44.73 19.21
CA ASN A 432 31.64 43.38 18.98
C ASN A 432 31.75 42.54 20.25
N GLU A 433 31.47 43.09 21.43
CA GLU A 433 31.56 42.28 22.64
C GLU A 433 30.24 41.63 23.04
N THR A 434 29.10 42.30 22.83
CA THR A 434 27.82 41.63 23.07
C THR A 434 27.67 40.42 22.15
N GLU A 435 28.20 40.49 20.93
CA GLU A 435 28.12 39.35 20.03
C GLU A 435 28.93 38.18 20.56
N ILE A 436 30.12 38.44 21.12
CA ILE A 436 30.93 37.36 21.68
C ILE A 436 30.27 36.79 22.92
N ASN A 437 29.65 37.63 23.74
CA ASN A 437 28.87 37.15 24.87
C ASN A 437 27.77 36.19 24.40
N PHE A 438 26.99 36.63 23.41
CA PHE A 438 25.89 35.82 22.90
C PHE A 438 26.40 34.50 22.33
N LEU A 439 27.49 34.54 21.57
CA LEU A 439 28.00 33.31 20.97
C LEU A 439 28.54 32.35 22.02
N LEU A 440 29.19 32.87 23.06
CA LEU A 440 29.66 31.99 24.13
C LEU A 440 28.49 31.35 24.88
N LYS A 441 27.44 32.13 25.16
CA LYS A 441 26.28 31.57 25.83
C LYS A 441 25.59 30.52 24.97
N GLN A 442 25.53 30.76 23.65
CA GLN A 442 25.00 29.74 22.75
C GLN A 442 25.87 28.49 22.74
N ALA A 443 27.20 28.66 22.76
CA ALA A 443 28.09 27.51 22.63
C ALA A 443 28.05 26.64 23.88
N LEU A 444 28.00 27.25 25.06
CA LEU A 444 27.90 26.46 26.29
C LEU A 444 26.77 25.44 26.23
N THR A 445 25.66 25.80 25.58
CA THR A 445 24.51 24.91 25.45
C THR A 445 24.59 23.98 24.25
N ILE A 446 24.89 24.52 23.06
CA ILE A 446 24.67 23.76 21.82
C ILE A 446 25.83 22.80 21.55
N VAL A 447 27.07 23.29 21.63
CA VAL A 447 28.21 22.42 21.34
C VAL A 447 28.67 21.60 22.55
N GLY A 448 28.36 22.04 23.77
CA GLY A 448 28.70 21.26 24.95
C GLY A 448 28.02 19.91 25.04
N THR A 449 26.86 19.74 24.40
CA THR A 449 26.08 18.52 24.51
C THR A 449 26.44 17.47 23.48
N LEU A 450 27.18 17.83 22.43
CA LEU A 450 27.41 16.89 21.34
C LEU A 450 28.34 15.74 21.73
N PRO A 451 29.50 15.98 22.35
CA PRO A 451 30.31 14.83 22.78
C PRO A 451 29.61 13.93 23.78
N PHE A 452 28.85 14.52 24.72
CA PHE A 452 28.08 13.71 25.65
C PHE A 452 27.10 12.80 24.93
N THR A 453 26.30 13.37 24.01
CA THR A 453 25.32 12.58 23.29
C THR A 453 25.98 11.48 22.48
N TYR A 454 27.04 11.82 21.73
CA TYR A 454 27.71 10.85 20.89
C TYR A 454 28.31 9.72 21.71
N MET A 455 28.93 10.05 22.86
CA MET A 455 29.54 9.03 23.68
C MET A 455 28.49 8.13 24.33
N LEU A 456 27.39 8.71 24.81
CA LEU A 456 26.33 7.90 25.40
C LEU A 456 25.78 6.90 24.39
N GLU A 457 25.47 7.37 23.17
CA GLU A 457 24.92 6.44 22.20
C GLU A 457 25.96 5.43 21.73
N LYS A 458 27.23 5.81 21.66
CA LYS A 458 28.27 4.85 21.31
C LYS A 458 28.36 3.75 22.36
N TRP A 459 28.32 4.12 23.64
CA TRP A 459 28.34 3.13 24.71
C TRP A 459 27.14 2.20 24.64
N ARG A 460 25.94 2.75 24.40
CA ARG A 460 24.76 1.91 24.30
C ARG A 460 24.85 0.94 23.14
N TRP A 461 25.25 1.44 21.97
CA TRP A 461 25.42 0.57 20.80
C TRP A 461 26.42 -0.55 21.10
N MET A 462 27.56 -0.22 21.71
CA MET A 462 28.56 -1.23 21.99
C MET A 462 28.05 -2.27 23.00
N VAL A 463 27.30 -1.82 24.02
CA VAL A 463 26.76 -2.76 25.00
C VAL A 463 25.77 -3.72 24.35
N PHE A 464 24.84 -3.18 23.55
CA PHE A 464 23.89 -4.05 22.86
C PHE A 464 24.57 -4.99 21.88
N LYS A 465 25.63 -4.53 21.21
CA LYS A 465 26.33 -5.37 20.25
C LYS A 465 27.11 -6.50 20.90
N GLY A 466 27.26 -6.49 22.22
CA GLY A 466 28.04 -7.51 22.89
C GLY A 466 29.53 -7.35 22.76
N GLU A 467 30.02 -6.13 22.57
CA GLU A 467 31.46 -5.88 22.48
C GLU A 467 32.08 -5.53 23.82
N ILE A 468 31.27 -5.14 24.80
CA ILE A 468 31.71 -4.83 26.15
C ILE A 468 31.11 -5.89 27.08
N PRO A 469 31.90 -6.83 27.59
CA PRO A 469 31.37 -7.79 28.55
C PRO A 469 30.82 -7.10 29.79
N LYS A 470 29.94 -7.81 30.49
CA LYS A 470 29.28 -7.24 31.66
C LYS A 470 30.25 -6.88 32.77
N ASP A 471 31.34 -7.64 32.89
CA ASP A 471 32.30 -7.44 33.97
C ASP A 471 33.21 -6.23 33.77
N GLN A 472 33.05 -5.46 32.69
CA GLN A 472 33.79 -4.21 32.54
C GLN A 472 32.92 -3.11 31.93
N TRP A 473 31.62 -3.12 32.23
CA TRP A 473 30.71 -2.07 31.80
C TRP A 473 31.20 -0.68 32.24
N MET A 474 31.36 -0.51 33.56
CA MET A 474 31.79 0.80 34.07
C MET A 474 33.23 1.12 33.70
N LYS A 475 34.09 0.12 33.61
CA LYS A 475 35.45 0.34 33.14
C LYS A 475 35.44 1.02 31.77
N LYS A 476 34.74 0.42 30.81
CA LYS A 476 34.68 1.03 29.47
C LYS A 476 33.92 2.34 29.48
N TRP A 477 32.88 2.47 30.32
CA TRP A 477 32.17 3.74 30.42
C TRP A 477 33.09 4.88 30.81
N TRP A 478 33.90 4.70 31.84
CA TRP A 478 34.75 5.80 32.29
C TRP A 478 35.98 5.97 31.41
N GLU A 479 36.47 4.88 30.79
CA GLU A 479 37.48 5.03 29.76
C GLU A 479 36.99 5.92 28.64
N MET A 480 35.74 5.71 28.19
CA MET A 480 35.19 6.53 27.12
C MET A 480 34.95 7.96 27.60
N LYS A 481 34.47 8.12 28.83
CA LYS A 481 34.36 9.43 29.45
C LYS A 481 35.66 10.21 29.29
N ARG A 482 36.74 9.67 29.86
CA ARG A 482 38.05 10.28 29.76
C ARG A 482 38.42 10.60 28.33
N GLU A 483 38.51 9.57 27.47
CA GLU A 483 39.07 9.75 26.14
C GLU A 483 38.28 10.77 25.33
N ILE A 484 36.95 10.64 25.28
CA ILE A 484 36.15 11.47 24.37
C ILE A 484 35.75 12.80 25.00
N VAL A 485 35.09 12.74 26.16
CA VAL A 485 34.49 13.96 26.71
C VAL A 485 35.49 14.78 27.52
N GLY A 486 36.60 14.19 27.96
CA GLY A 486 37.53 14.91 28.80
C GLY A 486 37.05 15.13 30.23
N VAL A 487 36.34 14.14 30.80
CA VAL A 487 35.76 14.23 32.13
C VAL A 487 36.16 13.00 32.92
N VAL A 488 36.51 13.19 34.20
CA VAL A 488 37.03 12.13 35.05
C VAL A 488 36.21 12.05 36.33
N GLU A 489 35.97 10.83 36.81
CA GLU A 489 35.18 10.63 38.01
C GLU A 489 35.97 11.09 39.24
N PRO A 490 35.30 11.71 40.21
CA PRO A 490 36.03 12.15 41.41
C PRO A 490 36.39 11.01 42.36
N VAL A 491 35.64 9.92 42.36
CA VAL A 491 36.00 8.75 43.17
C VAL A 491 35.84 7.49 42.34
N PRO A 492 36.67 6.48 42.61
CA PRO A 492 36.63 5.26 41.79
C PRO A 492 35.36 4.45 42.02
N HIS A 493 34.93 3.80 40.94
CA HIS A 493 33.69 3.02 40.92
C HIS A 493 34.00 1.63 40.37
N ASP A 494 33.60 0.59 41.11
CA ASP A 494 33.77 -0.77 40.65
C ASP A 494 32.57 -1.19 39.81
N GLU A 495 32.45 -2.48 39.52
CA GLU A 495 31.40 -2.98 38.65
C GLU A 495 30.05 -3.12 39.35
N THR A 496 29.96 -2.80 40.64
CA THR A 496 28.68 -2.80 41.32
C THR A 496 27.79 -1.64 40.87
N TYR A 497 28.39 -0.49 40.58
CA TYR A 497 27.62 0.68 40.19
C TYR A 497 27.03 0.51 38.78
N CYS A 498 26.09 1.40 38.45
CA CYS A 498 25.51 1.47 37.11
C CYS A 498 25.23 2.93 36.78
N ASP A 499 26.28 3.75 36.79
CA ASP A 499 26.11 5.20 36.63
C ASP A 499 25.39 5.61 35.35
N PRO A 500 25.60 4.99 34.18
CA PRO A 500 24.79 5.38 33.00
C PRO A 500 23.29 5.30 33.21
N ALA A 501 22.80 4.29 33.93
CA ALA A 501 21.37 4.15 34.16
C ALA A 501 20.78 5.19 35.12
N SER A 502 21.62 5.99 35.77
CA SER A 502 21.14 7.08 36.61
C SER A 502 20.64 8.28 35.82
N LEU A 503 20.56 8.18 34.49
CA LEU A 503 20.00 9.23 33.66
C LEU A 503 18.62 8.79 33.18
N PHE A 504 17.72 9.78 33.03
CA PHE A 504 16.33 9.48 32.72
C PHE A 504 16.20 8.71 31.42
N HIS A 505 16.82 9.20 30.34
CA HIS A 505 16.67 8.58 29.03
C HIS A 505 17.18 7.14 29.00
N VAL A 506 18.21 6.83 29.78
CA VAL A 506 18.75 5.48 29.77
C VAL A 506 17.81 4.51 30.48
N SER A 507 17.29 4.91 31.64
CA SER A 507 16.42 4.04 32.42
C SER A 507 14.97 4.03 31.91
N ASN A 508 14.64 4.83 30.90
CA ASN A 508 13.29 4.87 30.36
C ASN A 508 13.22 4.50 28.89
N ASP A 509 14.26 3.85 28.35
CA ASP A 509 14.20 3.21 27.04
C ASP A 509 13.92 4.21 25.91
N TYR A 510 14.61 5.34 25.94
CA TYR A 510 14.51 6.33 24.88
C TYR A 510 15.84 6.44 24.11
N SER A 511 15.75 6.45 22.79
CA SER A 511 16.93 6.68 21.96
C SER A 511 17.46 8.10 22.19
N PHE A 512 18.74 8.30 21.87
CA PHE A 512 19.41 9.54 22.23
C PHE A 512 20.08 10.29 21.08
N ILE A 513 20.45 9.60 19.99
CA ILE A 513 21.13 10.23 18.86
C ILE A 513 20.29 11.27 18.13
N ARG A 514 18.97 11.28 18.38
CA ARG A 514 18.11 12.29 17.77
C ARG A 514 18.59 13.70 18.06
N TYR A 515 19.19 13.93 19.23
CA TYR A 515 19.61 15.28 19.59
C TYR A 515 20.82 15.72 18.78
N TYR A 516 21.77 14.81 18.57
CA TYR A 516 22.91 15.09 17.70
C TYR A 516 22.43 15.42 16.28
N THR A 517 21.58 14.55 15.72
CA THR A 517 21.13 14.79 14.35
C THR A 517 20.35 16.10 14.23
N ARG A 518 19.52 16.40 15.22
CA ARG A 518 18.76 17.64 15.20
C ARG A 518 19.66 18.87 15.35
N THR A 519 20.74 18.75 16.13
CA THR A 519 21.65 19.87 16.27
C THR A 519 22.31 20.20 14.94
N LEU A 520 22.68 19.18 14.16
CA LEU A 520 23.23 19.48 12.84
C LEU A 520 22.16 20.00 11.87
N TYR A 521 20.98 19.37 11.86
CA TYR A 521 19.91 19.79 10.96
C TYR A 521 19.52 21.25 11.17
N GLN A 522 19.48 21.73 12.42
CA GLN A 522 18.94 23.06 12.65
C GLN A 522 19.84 24.12 12.01
N PHE A 523 21.16 23.92 12.04
CA PHE A 523 22.05 24.88 11.41
C PHE A 523 22.09 24.72 9.90
N GLN A 524 21.92 23.49 9.39
CA GLN A 524 21.71 23.36 7.95
C GLN A 524 20.52 24.19 7.48
N PHE A 525 19.39 24.05 8.17
CA PHE A 525 18.18 24.79 7.80
C PHE A 525 18.40 26.30 7.92
N GLN A 526 19.06 26.74 8.99
CA GLN A 526 19.30 28.17 9.17
C GLN A 526 20.14 28.71 8.02
N GLU A 527 21.20 28.00 7.64
CA GLU A 527 22.02 28.42 6.50
C GLU A 527 21.19 28.51 5.23
N ALA A 528 20.36 27.50 4.97
CA ALA A 528 19.57 27.52 3.74
C ALA A 528 18.62 28.70 3.72
N LEU A 529 17.90 28.94 4.82
CA LEU A 529 16.89 29.99 4.83
C LEU A 529 17.50 31.39 4.86
N CYS A 530 18.69 31.55 5.44
CA CYS A 530 19.34 32.86 5.39
C CYS A 530 19.99 33.14 4.05
N GLN A 531 20.52 32.11 3.38
CA GLN A 531 20.94 32.30 1.99
C GLN A 531 19.76 32.66 1.09
N ALA A 532 18.61 32.02 1.32
CA ALA A 532 17.41 32.37 0.56
C ALA A 532 16.94 33.79 0.83
N ALA A 533 17.08 34.26 2.07
CA ALA A 533 16.65 35.61 2.44
C ALA A 533 17.65 36.70 2.08
N LYS A 534 18.67 36.39 1.27
CA LYS A 534 19.65 37.37 0.79
C LYS A 534 20.41 38.05 1.92
N HIS A 535 20.55 37.37 3.05
CA HIS A 535 21.31 37.93 4.17
C HIS A 535 22.78 38.09 3.80
N GLU A 536 23.42 39.11 4.36
CA GLU A 536 24.77 39.47 3.97
C GLU A 536 25.78 39.45 5.12
N GLY A 537 25.37 39.86 6.32
CA GLY A 537 26.28 39.94 7.44
C GLY A 537 26.61 38.59 8.02
N PRO A 538 27.15 38.59 9.25
CA PRO A 538 27.38 37.31 9.95
C PRO A 538 26.08 36.57 10.19
N LEU A 539 26.15 35.24 10.10
CA LEU A 539 24.95 34.41 10.12
C LEU A 539 24.14 34.57 11.40
N HIS A 540 24.80 34.71 12.55
CA HIS A 540 24.06 34.77 13.81
C HIS A 540 23.19 36.01 13.94
N LYS A 541 23.35 37.02 13.08
CA LYS A 541 22.47 38.18 13.10
C LYS A 541 21.32 38.09 12.10
N CYS A 542 21.05 36.90 11.55
CA CYS A 542 20.07 36.75 10.47
C CYS A 542 18.68 36.58 11.06
N ASP A 543 17.72 37.36 10.54
CA ASP A 543 16.31 37.26 10.89
C ASP A 543 15.49 37.09 9.61
N ILE A 544 14.85 35.93 9.45
CA ILE A 544 14.15 35.59 8.23
C ILE A 544 12.76 36.20 8.14
N SER A 545 12.40 37.07 9.07
CA SER A 545 11.11 37.74 9.00
C SER A 545 10.93 38.49 7.69
N ASN A 546 9.69 38.53 7.20
CA ASN A 546 9.33 39.27 6.00
C ASN A 546 10.01 38.71 4.76
N SER A 547 10.24 37.40 4.73
CA SER A 547 10.83 36.72 3.58
C SER A 547 9.85 35.63 3.17
N THR A 548 8.95 35.98 2.24
CA THR A 548 8.00 35.00 1.72
C THR A 548 8.69 33.89 0.94
N GLU A 549 9.87 34.17 0.36
CA GLU A 549 10.62 33.14 -0.34
C GLU A 549 11.07 32.04 0.62
N ALA A 550 11.63 32.43 1.76
CA ALA A 550 12.03 31.44 2.76
C ALA A 550 10.82 30.68 3.30
N GLY A 551 9.71 31.39 3.53
CA GLY A 551 8.51 30.72 3.97
C GLY A 551 8.04 29.65 2.99
N GLN A 552 8.01 29.98 1.70
CA GLN A 552 7.61 29.00 0.70
C GLN A 552 8.59 27.84 0.63
N LYS A 553 9.89 28.14 0.68
CA LYS A 553 10.91 27.09 0.61
C LYS A 553 10.79 26.13 1.79
N LEU A 554 10.44 26.65 2.98
CA LEU A 554 10.25 25.78 4.13
C LEU A 554 8.95 25.01 4.06
N PHE A 555 7.88 25.63 3.55
CA PHE A 555 6.60 24.96 3.45
C PHE A 555 6.65 23.80 2.47
N ASN A 556 7.43 23.97 1.39
CA ASN A 556 7.59 22.88 0.42
C ASN A 556 8.13 21.61 1.05
N MET A 557 8.91 21.74 2.12
CA MET A 557 9.40 20.58 2.86
C MET A 557 8.41 20.16 3.95
N LEU A 558 7.77 21.14 4.60
CA LEU A 558 6.85 20.84 5.68
C LEU A 558 5.70 19.97 5.19
N ARG A 559 5.19 20.26 4.00
CA ARG A 559 4.01 19.59 3.47
C ARG A 559 4.21 18.11 3.20
N LEU A 560 5.45 17.62 3.11
CA LEU A 560 5.67 16.23 2.72
C LEU A 560 5.30 15.24 3.83
N GLY A 561 5.45 15.63 5.09
CA GLY A 561 5.30 14.66 6.17
C GLY A 561 6.30 13.54 6.02
N LYS A 562 5.84 12.31 6.23
CA LYS A 562 6.67 11.11 6.04
C LYS A 562 6.31 10.37 4.76
N SER A 563 5.75 11.05 3.77
CA SER A 563 5.39 10.38 2.53
C SER A 563 6.60 10.11 1.66
N GLU A 564 7.51 11.06 1.55
CA GLU A 564 8.73 10.94 0.78
C GLU A 564 9.92 10.66 1.69
N PRO A 565 11.00 10.07 1.16
CA PRO A 565 12.19 9.82 2.00
C PRO A 565 12.77 11.10 2.58
N TRP A 566 13.36 10.97 3.77
CA TRP A 566 13.93 12.14 4.45
C TRP A 566 15.12 12.73 3.68
N THR A 567 15.86 11.91 2.94
CA THR A 567 16.97 12.44 2.15
C THR A 567 16.48 13.43 1.09
N LEU A 568 15.41 13.07 0.37
CA LEU A 568 14.86 13.99 -0.63
C LEU A 568 14.31 15.25 0.03
N ALA A 569 13.65 15.10 1.18
CA ALA A 569 13.11 16.26 1.87
C ALA A 569 14.22 17.21 2.33
N LEU A 570 15.32 16.66 2.83
CA LEU A 570 16.45 17.49 3.24
C LEU A 570 17.10 18.16 2.03
N GLU A 571 17.21 17.44 0.91
CA GLU A 571 17.79 18.02 -0.29
C GLU A 571 16.91 19.15 -0.83
N ASN A 572 15.59 19.00 -0.70
CA ASN A 572 14.66 20.01 -1.19
C ASN A 572 14.96 21.38 -0.59
N VAL A 573 15.50 21.43 0.63
CA VAL A 573 15.74 22.69 1.31
C VAL A 573 17.22 23.08 1.29
N VAL A 574 18.12 22.14 1.54
CA VAL A 574 19.54 22.47 1.68
C VAL A 574 20.38 22.02 0.50
N GLY A 575 19.87 21.14 -0.36
CA GLY A 575 20.65 20.72 -1.51
C GLY A 575 21.67 19.63 -1.26
N ALA A 576 21.61 18.95 -0.12
CA ALA A 576 22.58 17.92 0.22
C ALA A 576 21.87 16.69 0.77
N LYS A 577 22.38 15.51 0.38
CA LYS A 577 21.81 14.24 0.78
C LYS A 577 22.28 13.76 2.15
N ASN A 578 23.13 14.50 2.85
CA ASN A 578 23.72 13.99 4.07
C ASN A 578 23.99 15.14 5.03
N MET A 579 24.28 14.78 6.28
CA MET A 579 24.56 15.76 7.31
C MET A 579 25.91 16.44 7.06
N ASN A 580 25.98 17.73 7.42
CA ASN A 580 27.14 18.56 7.15
C ASN A 580 27.45 19.40 8.37
N VAL A 581 28.75 19.59 8.64
CA VAL A 581 29.19 20.32 9.83
C VAL A 581 29.60 21.76 9.51
N ARG A 582 29.89 22.09 8.25
CA ARG A 582 30.32 23.44 7.93
C ARG A 582 29.31 24.53 8.28
N PRO A 583 27.99 24.34 8.21
CA PRO A 583 27.07 25.36 8.74
C PRO A 583 27.31 25.72 10.20
N LEU A 584 27.48 24.72 11.07
CA LEU A 584 27.73 24.99 12.49
C LEU A 584 29.03 25.76 12.68
N LEU A 585 30.09 25.34 11.99
CA LEU A 585 31.37 26.01 12.12
C LEU A 585 31.29 27.44 11.60
N ASN A 586 30.51 27.66 10.55
CA ASN A 586 30.33 29.02 10.05
C ASN A 586 29.51 29.88 11.02
N TYR A 587 28.53 29.26 11.70
CA TYR A 587 27.81 29.96 12.75
C TYR A 587 28.74 30.41 13.87
N PHE A 588 29.71 29.57 14.23
CA PHE A 588 30.55 29.85 15.39
C PHE A 588 31.93 30.41 15.04
N GLU A 589 32.19 30.70 13.76
CA GLU A 589 33.50 31.22 13.34
C GLU A 589 34.00 32.41 14.15
N PRO A 590 33.21 33.47 14.41
CA PRO A 590 33.77 34.59 15.20
C PRO A 590 34.21 34.17 16.59
N LEU A 591 33.36 33.40 17.29
CA LEU A 591 33.75 32.86 18.58
C LEU A 591 34.95 31.94 18.46
N PHE A 592 35.06 31.20 17.35
CA PHE A 592 36.19 30.30 17.16
C PHE A 592 37.49 31.10 17.09
N THR A 593 37.51 32.17 16.30
CA THR A 593 38.70 32.99 16.20
C THR A 593 39.01 33.67 17.54
N TRP A 594 37.99 34.11 18.26
CA TRP A 594 38.23 34.74 19.56
C TRP A 594 38.86 33.77 20.54
N LEU A 595 38.38 32.51 20.58
CA LEU A 595 39.02 31.51 21.43
C LEU A 595 40.43 31.21 20.96
N LYS A 596 40.64 31.06 19.66
CA LYS A 596 41.98 30.78 19.15
C LYS A 596 42.97 31.87 19.57
N ASP A 597 42.52 33.13 19.57
CA ASP A 597 43.38 34.19 20.05
C ASP A 597 43.56 34.14 21.57
N GLN A 598 42.46 33.89 22.29
CA GLN A 598 42.49 33.88 23.75
C GLN A 598 43.29 32.71 24.33
N ASN A 599 43.45 31.63 23.57
CA ASN A 599 44.12 30.43 24.05
C ASN A 599 45.56 30.33 23.56
N LYS A 600 46.16 31.45 23.14
CA LYS A 600 47.50 31.42 22.59
C LYS A 600 48.53 30.89 23.61
N ASN A 601 48.37 31.27 24.88
CA ASN A 601 49.29 30.85 25.93
C ASN A 601 48.67 29.79 26.85
N SER A 602 47.72 29.01 26.35
CA SER A 602 47.10 27.95 27.13
C SER A 602 47.31 26.60 26.46
N PHE A 603 47.27 25.55 27.27
CA PHE A 603 47.41 24.19 26.76
C PHE A 603 46.06 23.75 26.20
N VAL A 604 46.09 23.19 24.98
CA VAL A 604 44.90 22.68 24.31
C VAL A 604 45.01 21.17 24.20
N GLY A 605 44.00 20.47 24.67
CA GLY A 605 44.05 19.04 24.89
C GLY A 605 44.03 18.68 26.37
N TRP A 606 44.17 17.38 26.63
CA TRP A 606 44.15 16.88 27.99
C TRP A 606 44.82 15.51 28.04
N SER A 607 45.52 15.23 29.12
CA SER A 607 46.02 13.89 29.38
C SER A 607 44.92 13.01 29.98
N THR A 608 44.85 11.78 29.50
CA THR A 608 43.82 10.83 29.95
C THR A 608 44.20 10.11 31.24
N ASP A 609 45.36 10.41 31.83
CA ASP A 609 45.88 9.61 32.92
C ASP A 609 45.77 10.27 34.29
N TRP A 610 45.69 11.60 34.35
CA TRP A 610 45.56 12.27 35.63
C TRP A 610 44.18 12.03 36.21
N SER A 611 44.13 11.83 37.53
CA SER A 611 42.87 11.59 38.23
C SER A 611 42.84 12.40 39.52
N PRO A 612 41.67 12.81 39.97
CA PRO A 612 41.56 13.49 41.27
C PRO A 612 41.83 12.59 42.48
N TYR A 613 42.16 11.32 42.25
CA TYR A 613 42.47 10.39 43.33
C TYR A 613 43.76 9.65 42.99
N ALA A 614 44.36 9.06 44.02
CA ALA A 614 45.59 8.30 43.84
C ALA A 614 45.61 7.07 44.75
N GLU B 1 -29.55 -16.57 -0.09
CA GLU B 1 -28.78 -17.04 -1.23
C GLU B 1 -28.51 -15.90 -2.22
N VAL B 2 -27.38 -15.99 -2.91
CA VAL B 2 -26.97 -15.00 -3.88
C VAL B 2 -27.50 -15.40 -5.26
N GLN B 3 -28.26 -14.50 -5.90
CA GLN B 3 -28.88 -14.78 -7.20
C GLN B 3 -28.71 -13.59 -8.14
N LEU B 4 -27.50 -13.44 -8.68
CA LEU B 4 -27.22 -12.41 -9.67
C LEU B 4 -28.16 -12.53 -10.85
N LEU B 5 -28.74 -11.40 -11.28
CA LEU B 5 -29.63 -11.35 -12.44
C LEU B 5 -29.19 -10.25 -13.39
N GLU B 6 -29.50 -10.43 -14.67
CA GLU B 6 -29.09 -9.50 -15.73
C GLU B 6 -30.26 -9.16 -16.63
N SER B 7 -30.18 -7.98 -17.23
CA SER B 7 -31.19 -7.53 -18.19
C SER B 7 -30.60 -6.37 -18.98
N GLY B 8 -31.25 -6.04 -20.10
CA GLY B 8 -30.78 -5.00 -20.99
C GLY B 8 -30.37 -5.48 -22.36
N GLY B 9 -30.55 -6.76 -22.67
CA GLY B 9 -30.15 -7.28 -23.98
C GLY B 9 -31.20 -7.03 -25.04
N GLY B 10 -30.76 -6.53 -26.19
CA GLY B 10 -31.65 -6.30 -27.30
C GLY B 10 -30.89 -6.16 -28.59
N LEU B 11 -31.59 -5.66 -29.60
CA LEU B 11 -31.03 -5.40 -30.92
C LEU B 11 -30.74 -3.92 -31.08
N VAL B 12 -29.53 -3.59 -31.55
CA VAL B 12 -29.14 -2.20 -31.77
C VAL B 12 -28.43 -2.10 -33.12
N GLN B 13 -28.50 -0.92 -33.71
CA GLN B 13 -27.79 -0.64 -34.94
C GLN B 13 -26.28 -0.56 -34.68
N PRO B 14 -25.46 -0.91 -35.67
CA PRO B 14 -24.03 -0.61 -35.58
C PRO B 14 -23.79 0.87 -35.29
N GLY B 15 -22.81 1.13 -34.42
CA GLY B 15 -22.56 2.47 -33.93
C GLY B 15 -23.52 2.94 -32.86
N GLY B 16 -24.55 2.18 -32.56
CA GLY B 16 -25.53 2.56 -31.56
C GLY B 16 -24.98 2.46 -30.15
N SER B 17 -25.91 2.55 -29.20
CA SER B 17 -25.57 2.53 -27.78
C SER B 17 -26.56 1.62 -27.05
N LEU B 18 -26.20 1.28 -25.81
CA LEU B 18 -26.95 0.34 -25.00
C LEU B 18 -26.38 0.37 -23.60
N ARG B 19 -27.24 0.23 -22.59
CA ARG B 19 -26.83 0.24 -21.19
C ARG B 19 -27.34 -1.03 -20.52
N LEU B 20 -26.41 -1.91 -20.18
CA LEU B 20 -26.70 -3.16 -19.47
C LEU B 20 -26.85 -2.93 -17.97
N SER B 21 -27.75 -3.69 -17.36
CA SER B 21 -27.96 -3.64 -15.92
C SER B 21 -27.83 -5.05 -15.33
N CYS B 22 -27.19 -5.14 -14.17
CA CYS B 22 -27.04 -6.39 -13.43
C CYS B 22 -27.46 -6.13 -11.98
N ALA B 23 -28.59 -6.71 -11.58
CA ALA B 23 -29.11 -6.55 -10.23
C ALA B 23 -28.58 -7.64 -9.30
N ALA B 24 -27.99 -7.24 -8.18
CA ALA B 24 -27.40 -8.16 -7.22
C ALA B 24 -28.26 -8.21 -5.97
N SER B 25 -28.40 -9.41 -5.39
CA SER B 25 -29.18 -9.59 -4.18
C SER B 25 -28.63 -10.79 -3.41
N GLY B 26 -28.80 -10.74 -2.09
CA GLY B 26 -28.41 -11.84 -1.23
C GLY B 26 -27.08 -11.69 -0.52
N PHE B 27 -26.33 -10.63 -0.79
CA PHE B 27 -25.05 -10.41 -0.13
C PHE B 27 -24.79 -8.91 -0.02
N THR B 28 -23.74 -8.58 0.72
CA THR B 28 -23.37 -7.18 0.97
C THR B 28 -22.68 -6.67 -0.29
N PHE B 29 -23.50 -6.19 -1.23
CA PHE B 29 -23.02 -5.71 -2.52
C PHE B 29 -21.85 -4.75 -2.38
N SER B 30 -21.92 -3.84 -1.41
CA SER B 30 -20.95 -2.76 -1.31
C SER B 30 -19.54 -3.22 -0.97
N SER B 31 -19.32 -4.51 -0.70
CA SER B 31 -18.01 -4.98 -0.31
C SER B 31 -17.39 -5.98 -1.28
N TYR B 32 -17.93 -6.12 -2.48
CA TYR B 32 -17.39 -7.04 -3.47
C TYR B 32 -17.14 -6.33 -4.79
N ALA B 33 -15.94 -6.52 -5.34
CA ALA B 33 -15.67 -6.14 -6.71
C ALA B 33 -16.48 -6.99 -7.69
N MET B 34 -16.99 -6.37 -8.75
CA MET B 34 -17.77 -7.07 -9.76
C MET B 34 -17.08 -6.96 -11.11
N SER B 35 -17.38 -7.91 -11.99
CA SER B 35 -16.74 -8.01 -13.29
C SER B 35 -17.76 -8.41 -14.35
N TRP B 36 -17.44 -8.07 -15.60
CA TRP B 36 -18.22 -8.44 -16.78
C TRP B 36 -17.42 -9.43 -17.64
N VAL B 37 -18.07 -10.50 -18.09
CA VAL B 37 -17.44 -11.55 -18.90
C VAL B 37 -18.34 -11.90 -20.06
N ARG B 38 -17.82 -11.85 -21.29
CA ARG B 38 -18.59 -12.13 -22.48
C ARG B 38 -18.13 -13.41 -23.17
N GLN B 39 -18.97 -13.90 -24.07
CA GLN B 39 -18.71 -15.11 -24.85
C GLN B 39 -19.23 -14.89 -26.26
N ALA B 40 -18.31 -14.73 -27.21
CA ALA B 40 -18.68 -14.68 -28.61
C ALA B 40 -19.25 -16.02 -29.07
N PRO B 41 -20.18 -16.01 -30.03
CA PRO B 41 -20.87 -17.26 -30.40
C PRO B 41 -19.93 -18.31 -30.98
N GLY B 42 -19.75 -19.41 -30.24
CA GLY B 42 -18.86 -20.48 -30.64
C GLY B 42 -17.40 -20.24 -30.38
N LYS B 43 -17.06 -19.20 -29.64
CA LYS B 43 -15.68 -18.89 -29.24
C LYS B 43 -15.56 -18.98 -27.72
N GLY B 44 -14.37 -18.62 -27.22
CA GLY B 44 -14.09 -18.65 -25.80
C GLY B 44 -14.66 -17.45 -25.08
N LEU B 45 -14.05 -17.14 -23.93
CA LEU B 45 -14.51 -16.07 -23.06
C LEU B 45 -13.43 -15.01 -22.92
N GLU B 46 -13.85 -13.80 -22.56
CA GLU B 46 -12.94 -12.69 -22.35
C GLU B 46 -13.43 -11.86 -21.18
N TRP B 47 -12.52 -11.08 -20.60
CA TRP B 47 -12.84 -10.21 -19.47
C TRP B 47 -13.17 -8.83 -20.03
N VAL B 48 -14.46 -8.51 -20.11
CA VAL B 48 -14.89 -7.25 -20.72
C VAL B 48 -14.44 -6.05 -19.88
N SER B 49 -14.77 -6.04 -18.59
CA SER B 49 -14.47 -4.89 -17.75
C SER B 49 -14.51 -5.31 -16.29
N GLY B 50 -13.99 -4.45 -15.44
CA GLY B 50 -13.93 -4.74 -14.01
C GLY B 50 -13.95 -3.46 -13.21
N ILE B 51 -14.53 -3.54 -12.02
CA ILE B 51 -14.68 -2.40 -11.12
C ILE B 51 -14.18 -2.81 -9.74
N SER B 52 -13.91 -1.80 -8.91
CA SER B 52 -13.51 -2.01 -7.53
C SER B 52 -14.73 -1.93 -6.61
N GLY B 53 -14.48 -2.00 -5.30
CA GLY B 53 -15.55 -2.05 -4.33
C GLY B 53 -16.34 -0.75 -4.23
N SER B 54 -15.72 0.29 -3.68
CA SER B 54 -16.40 1.56 -3.47
C SER B 54 -16.60 2.32 -4.79
N GLY B 55 -16.89 1.58 -5.86
CA GLY B 55 -17.14 2.17 -7.18
C GLY B 55 -16.18 3.24 -7.62
N ASP B 56 -14.89 3.09 -7.27
CA ASP B 56 -13.92 4.11 -7.64
C ASP B 56 -13.10 3.66 -8.84
N ARG B 57 -11.93 3.07 -8.61
CA ARG B 57 -11.05 2.63 -9.68
C ARG B 57 -11.76 1.66 -10.62
N THR B 58 -11.77 1.97 -11.91
CA THR B 58 -12.34 1.10 -12.93
C THR B 58 -11.26 0.73 -13.93
N TYR B 59 -11.11 -0.57 -14.17
CA TYR B 59 -10.08 -1.10 -15.06
C TYR B 59 -10.71 -1.52 -16.39
N TYR B 60 -9.89 -1.58 -17.42
CA TYR B 60 -10.41 -1.94 -18.73
C TYR B 60 -9.32 -2.68 -19.52
N PRO B 61 -9.70 -3.46 -20.53
CA PRO B 61 -8.71 -4.13 -21.36
C PRO B 61 -8.48 -3.36 -22.66
N ASP B 62 -7.34 -3.58 -23.31
CA ASP B 62 -7.00 -2.81 -24.50
C ASP B 62 -8.04 -2.93 -25.61
N SER B 63 -8.83 -4.01 -25.64
CA SER B 63 -9.77 -4.19 -26.74
C SER B 63 -10.93 -3.20 -26.66
N VAL B 64 -11.53 -3.05 -25.48
CA VAL B 64 -12.72 -2.23 -25.32
C VAL B 64 -12.45 -0.98 -24.46
N LYS B 65 -11.19 -0.57 -24.35
CA LYS B 65 -10.87 0.66 -23.63
C LYS B 65 -11.51 1.87 -24.31
N GLY B 66 -12.02 2.80 -23.48
CA GLY B 66 -12.54 4.04 -23.99
C GLY B 66 -13.89 3.98 -24.67
N ARG B 67 -14.36 2.79 -25.05
CA ARG B 67 -15.70 2.62 -25.59
C ARG B 67 -16.73 2.29 -24.50
N PHE B 68 -16.39 1.38 -23.60
CA PHE B 68 -17.31 0.91 -22.58
C PHE B 68 -17.04 1.63 -21.26
N THR B 69 -18.09 1.75 -20.43
CA THR B 69 -17.94 2.36 -19.11
C THR B 69 -18.77 1.59 -18.11
N ILE B 70 -18.10 1.04 -17.10
CA ILE B 70 -18.71 0.33 -15.96
C ILE B 70 -19.03 1.32 -14.85
N SER B 71 -20.12 1.05 -14.13
CA SER B 71 -20.54 1.89 -13.02
C SER B 71 -21.49 1.10 -12.12
N ARG B 72 -21.70 1.61 -10.91
CA ARG B 72 -22.54 0.95 -9.94
C ARG B 72 -23.22 1.99 -9.05
N ASP B 73 -24.44 1.66 -8.61
CA ASP B 73 -25.12 2.38 -7.53
C ASP B 73 -25.30 1.40 -6.36
N ASN B 74 -24.43 1.51 -5.35
CA ASN B 74 -24.54 0.66 -4.17
C ASN B 74 -25.84 0.84 -3.42
N SER B 75 -26.58 1.92 -3.66
CA SER B 75 -27.89 2.08 -3.04
C SER B 75 -28.90 1.07 -3.56
N LYS B 76 -29.07 1.00 -4.88
CA LYS B 76 -30.02 0.09 -5.50
C LYS B 76 -29.46 -1.30 -5.73
N ASN B 77 -28.24 -1.58 -5.26
CA ASN B 77 -27.56 -2.86 -5.49
C ASN B 77 -27.56 -3.25 -6.97
N THR B 78 -27.26 -2.29 -7.84
CA THR B 78 -27.31 -2.51 -9.28
C THR B 78 -25.94 -2.19 -9.88
N LEU B 79 -25.50 -3.04 -10.81
CA LEU B 79 -24.30 -2.81 -11.59
C LEU B 79 -24.67 -2.49 -13.04
N TYR B 80 -23.96 -1.54 -13.65
CA TYR B 80 -24.26 -1.09 -15.01
C TYR B 80 -23.03 -1.24 -15.89
N LEU B 81 -23.29 -1.44 -17.19
CA LEU B 81 -22.26 -1.36 -18.23
C LEU B 81 -22.80 -0.52 -19.39
N GLN B 82 -22.19 0.64 -19.62
CA GLN B 82 -22.58 1.54 -20.71
C GLN B 82 -21.64 1.33 -21.89
N MET B 83 -22.20 0.89 -23.02
CA MET B 83 -21.42 0.53 -24.21
C MET B 83 -21.83 1.45 -25.36
N ASN B 84 -20.87 2.21 -25.88
CA ASN B 84 -21.09 3.07 -27.03
C ASN B 84 -20.15 2.69 -28.18
N SER B 85 -20.53 3.12 -29.39
CA SER B 85 -19.79 2.84 -30.62
C SER B 85 -19.62 1.34 -30.85
N LEU B 86 -20.72 0.60 -30.67
CA LEU B 86 -20.68 -0.84 -30.87
C LEU B 86 -20.37 -1.19 -32.32
N ARG B 87 -19.67 -2.31 -32.50
CA ARG B 87 -19.30 -2.83 -33.81
C ARG B 87 -19.73 -4.29 -33.89
N ALA B 88 -19.71 -4.83 -35.11
CA ALA B 88 -20.14 -6.21 -35.34
C ALA B 88 -19.37 -7.23 -34.51
N GLU B 89 -18.15 -6.91 -34.06
CA GLU B 89 -17.36 -7.87 -33.31
C GLU B 89 -17.79 -7.99 -31.86
N ASP B 90 -18.56 -7.03 -31.35
CA ASP B 90 -19.08 -7.07 -29.98
C ASP B 90 -20.25 -8.03 -29.78
N THR B 91 -20.73 -8.70 -30.83
CA THR B 91 -21.82 -9.66 -30.67
C THR B 91 -21.43 -10.80 -29.75
N ALA B 92 -22.03 -10.85 -28.56
CA ALA B 92 -21.70 -11.87 -27.57
C ALA B 92 -22.77 -11.91 -26.50
N VAL B 93 -22.77 -12.99 -25.72
CA VAL B 93 -23.53 -13.08 -24.48
C VAL B 93 -22.70 -12.49 -23.34
N TYR B 94 -23.33 -11.68 -22.49
CA TYR B 94 -22.63 -10.97 -21.43
C TYR B 94 -23.10 -11.44 -20.06
N TYR B 95 -22.16 -11.84 -19.20
CA TYR B 95 -22.44 -12.23 -17.83
C TYR B 95 -21.83 -11.23 -16.86
N CYS B 96 -22.45 -11.10 -15.69
CA CYS B 96 -21.88 -10.31 -14.60
C CYS B 96 -21.52 -11.28 -13.48
N ALA B 97 -20.25 -11.26 -13.07
CA ALA B 97 -19.74 -12.23 -12.12
C ALA B 97 -19.20 -11.53 -10.88
N LYS B 98 -19.34 -12.18 -9.73
CA LYS B 98 -18.77 -11.65 -8.52
C LYS B 98 -17.25 -11.84 -8.58
N ASP B 99 -16.52 -11.07 -7.78
CA ASP B 99 -15.07 -11.13 -7.90
C ASP B 99 -14.44 -11.15 -6.52
N TRP B 100 -13.26 -10.56 -6.35
CA TRP B 100 -12.56 -10.67 -5.08
C TRP B 100 -13.28 -9.85 -4.01
N ALA B 101 -12.96 -10.16 -2.75
CA ALA B 101 -13.58 -9.45 -1.65
C ALA B 101 -12.62 -8.38 -1.13
N MET B 102 -11.97 -8.69 0.00
CA MET B 102 -10.98 -7.79 0.56
C MET B 102 -9.76 -8.52 1.12
N VAL B 103 -9.83 -9.84 1.31
CA VAL B 103 -8.73 -10.57 1.94
C VAL B 103 -8.40 -11.88 1.25
N GLY B 104 -9.42 -12.65 0.87
CA GLY B 104 -9.19 -13.96 0.31
C GLY B 104 -8.83 -13.95 -1.15
N ALA B 105 -8.50 -15.14 -1.66
CA ALA B 105 -8.16 -15.32 -3.06
C ALA B 105 -9.29 -15.93 -3.85
N ASP B 106 -10.49 -15.93 -3.27
CA ASP B 106 -11.70 -16.39 -3.95
C ASP B 106 -11.97 -15.53 -5.17
N ALA B 107 -12.69 -16.10 -6.13
CA ALA B 107 -12.91 -15.37 -7.37
C ALA B 107 -14.28 -15.67 -7.96
N PHE B 108 -14.40 -15.58 -9.27
CA PHE B 108 -15.69 -15.77 -9.93
C PHE B 108 -16.33 -17.07 -9.44
N ASP B 109 -17.55 -16.97 -8.94
CA ASP B 109 -18.21 -18.17 -8.42
C ASP B 109 -19.72 -18.17 -8.64
N ILE B 110 -20.34 -16.99 -8.70
CA ILE B 110 -21.77 -16.88 -8.98
C ILE B 110 -21.93 -16.02 -10.22
N TRP B 111 -22.53 -16.57 -11.27
CA TRP B 111 -22.75 -15.85 -12.51
C TRP B 111 -24.23 -15.93 -12.86
N GLY B 112 -24.71 -14.91 -13.57
CA GLY B 112 -26.08 -14.91 -14.03
C GLY B 112 -26.25 -15.80 -15.25
N GLN B 113 -27.45 -15.75 -15.82
CA GLN B 113 -27.72 -16.55 -17.01
C GLN B 113 -27.18 -15.94 -18.30
N GLY B 114 -26.89 -14.65 -18.32
CA GLY B 114 -26.46 -14.04 -19.56
C GLY B 114 -27.58 -13.29 -20.25
N THR B 115 -27.19 -12.39 -21.16
CA THR B 115 -28.14 -11.78 -22.07
C THR B 115 -27.49 -11.61 -23.43
N MET B 116 -28.28 -11.78 -24.49
CA MET B 116 -27.79 -11.82 -25.86
C MET B 116 -27.82 -10.43 -26.48
N VAL B 117 -26.66 -9.94 -26.90
CA VAL B 117 -26.53 -8.62 -27.51
C VAL B 117 -26.10 -8.84 -28.96
N THR B 118 -27.02 -8.66 -29.90
CA THR B 118 -26.72 -8.74 -31.32
C THR B 118 -26.66 -7.36 -31.95
N VAL B 119 -25.59 -7.09 -32.68
CA VAL B 119 -25.40 -5.83 -33.41
C VAL B 119 -25.38 -6.13 -34.91
N SER B 120 -26.43 -5.75 -35.61
CA SER B 120 -26.50 -5.99 -37.05
C SER B 120 -27.33 -4.90 -37.70
N SER B 121 -27.03 -4.62 -38.96
CA SER B 121 -27.83 -3.66 -39.72
C SER B 121 -29.13 -4.23 -40.26
N ALA B 122 -29.34 -5.54 -40.21
CA ALA B 122 -30.61 -6.06 -40.69
C ALA B 122 -31.72 -5.70 -39.69
N SER B 123 -32.96 -5.76 -40.16
CA SER B 123 -34.04 -5.31 -39.28
C SER B 123 -34.79 -6.48 -38.65
N THR B 124 -35.89 -6.90 -39.30
CA THR B 124 -36.47 -8.21 -39.12
C THR B 124 -36.86 -8.76 -40.49
N LYS B 125 -36.67 -10.06 -40.70
CA LYS B 125 -37.09 -10.68 -41.94
C LYS B 125 -37.61 -12.08 -41.66
N GLY B 126 -38.83 -12.37 -42.11
CA GLY B 126 -39.39 -13.69 -42.03
C GLY B 126 -38.75 -14.64 -43.01
N PRO B 127 -38.68 -15.93 -42.66
CA PRO B 127 -37.93 -16.87 -43.49
C PRO B 127 -38.67 -17.33 -44.74
N SER B 128 -38.13 -18.35 -45.40
CA SER B 128 -38.78 -19.02 -46.51
C SER B 128 -38.53 -20.51 -46.41
N VAL B 129 -39.56 -21.31 -46.71
CA VAL B 129 -39.56 -22.74 -46.48
C VAL B 129 -39.53 -23.43 -47.84
N PHE B 130 -38.39 -24.04 -48.16
CA PHE B 130 -38.16 -24.69 -49.44
C PHE B 130 -38.11 -26.19 -49.26
N PRO B 131 -38.89 -26.96 -50.01
CA PRO B 131 -38.93 -28.41 -49.79
C PRO B 131 -37.74 -29.13 -50.39
N LEU B 132 -37.31 -30.18 -49.70
CA LEU B 132 -36.22 -31.05 -50.12
C LEU B 132 -36.84 -32.41 -50.48
N ALA B 133 -36.95 -32.68 -51.78
CA ALA B 133 -37.73 -33.86 -52.14
C ALA B 133 -36.83 -35.06 -52.35
N PRO B 134 -37.28 -36.25 -51.95
CA PRO B 134 -36.52 -37.46 -52.24
C PRO B 134 -36.76 -37.97 -53.64
N SER B 135 -35.73 -38.58 -54.21
CA SER B 135 -35.78 -39.10 -55.57
C SER B 135 -36.53 -40.44 -55.61
N SER B 140 -32.70 -44.80 -50.56
CA SER B 140 -31.26 -44.81 -50.80
C SER B 140 -30.54 -45.69 -49.77
N GLY B 141 -30.82 -46.99 -49.83
CA GLY B 141 -30.17 -47.93 -48.93
C GLY B 141 -31.00 -48.26 -47.71
N GLY B 142 -32.22 -48.74 -47.93
CA GLY B 142 -33.11 -49.09 -46.83
C GLY B 142 -33.74 -47.93 -46.11
N THR B 143 -32.96 -46.88 -45.83
CA THR B 143 -33.49 -45.65 -45.25
C THR B 143 -33.33 -44.48 -46.21
N ALA B 144 -34.27 -43.54 -46.14
CA ALA B 144 -34.29 -42.35 -46.97
C ALA B 144 -34.26 -41.11 -46.08
N ALA B 145 -33.65 -40.05 -46.59
CA ALA B 145 -33.58 -38.77 -45.89
C ALA B 145 -34.48 -37.74 -46.56
N LEU B 146 -35.02 -36.84 -45.74
CA LEU B 146 -35.82 -35.71 -46.23
C LEU B 146 -35.75 -34.60 -45.19
N GLY B 147 -36.01 -33.38 -45.64
CA GLY B 147 -35.85 -32.23 -44.77
C GLY B 147 -36.51 -31.00 -45.36
N CYS B 148 -36.32 -29.88 -44.66
CA CYS B 148 -36.90 -28.60 -45.02
C CYS B 148 -35.91 -27.49 -44.73
N LEU B 149 -35.84 -26.51 -45.63
CA LEU B 149 -34.83 -25.46 -45.59
C LEU B 149 -35.44 -24.13 -45.15
N VAL B 150 -35.01 -23.65 -43.99
CA VAL B 150 -35.44 -22.35 -43.46
C VAL B 150 -34.39 -21.32 -43.82
N LYS B 151 -34.74 -20.39 -44.71
CA LYS B 151 -33.78 -19.51 -45.35
C LYS B 151 -34.20 -18.05 -45.18
N ASP B 152 -33.20 -17.17 -44.97
CA ASP B 152 -33.40 -15.73 -44.96
C ASP B 152 -34.33 -15.31 -43.81
N TYR B 153 -33.82 -15.46 -42.59
CA TYR B 153 -34.51 -14.97 -41.41
C TYR B 153 -33.53 -14.31 -40.45
N PHE B 154 -34.10 -13.49 -39.55
CA PHE B 154 -33.38 -12.77 -38.51
C PHE B 154 -34.36 -12.17 -37.52
N PRO B 155 -34.11 -12.25 -36.19
CA PRO B 155 -33.04 -12.85 -35.39
C PRO B 155 -33.31 -14.28 -34.92
N GLU B 156 -32.58 -14.70 -33.89
CA GLU B 156 -32.86 -15.94 -33.17
C GLU B 156 -33.99 -15.75 -32.17
N PRO B 157 -34.69 -16.84 -31.81
CA PRO B 157 -34.45 -18.21 -32.28
C PRO B 157 -35.55 -18.75 -33.18
N VAL B 158 -35.27 -19.85 -33.88
CA VAL B 158 -36.30 -20.64 -34.54
C VAL B 158 -36.29 -22.05 -33.93
N THR B 159 -37.48 -22.58 -33.67
CA THR B 159 -37.64 -23.95 -33.21
C THR B 159 -38.21 -24.81 -34.33
N VAL B 160 -37.53 -25.91 -34.64
CA VAL B 160 -37.94 -26.82 -35.71
C VAL B 160 -38.29 -28.16 -35.09
N SER B 161 -39.50 -28.65 -35.39
CA SER B 161 -39.95 -29.98 -34.98
C SER B 161 -40.43 -30.74 -36.20
N TRP B 162 -40.62 -32.05 -36.03
CA TRP B 162 -41.12 -32.90 -37.11
C TRP B 162 -42.34 -33.68 -36.64
N ASN B 163 -43.45 -33.52 -37.38
CA ASN B 163 -44.72 -34.18 -37.07
C ASN B 163 -45.22 -33.84 -35.67
N SER B 164 -45.16 -32.55 -35.33
CA SER B 164 -45.58 -32.01 -34.04
C SER B 164 -44.74 -32.54 -32.88
N GLY B 165 -43.57 -33.10 -33.16
CA GLY B 165 -42.75 -33.71 -32.14
C GLY B 165 -42.96 -35.20 -31.95
N ALA B 166 -43.86 -35.81 -32.71
CA ALA B 166 -44.09 -37.25 -32.60
C ALA B 166 -43.05 -38.07 -33.34
N LEU B 167 -42.23 -37.44 -34.19
CA LEU B 167 -41.18 -38.13 -34.93
C LEU B 167 -39.83 -37.59 -34.44
N THR B 168 -39.07 -38.43 -33.76
CA THR B 168 -37.79 -38.04 -33.20
C THR B 168 -36.62 -38.92 -33.64
N SER B 169 -36.88 -40.12 -34.13
CA SER B 169 -35.81 -41.01 -34.55
C SER B 169 -35.19 -40.53 -35.87
N GLY B 170 -33.87 -40.44 -35.89
CA GLY B 170 -33.17 -39.99 -37.08
C GLY B 170 -33.24 -38.51 -37.39
N VAL B 171 -33.62 -37.67 -36.44
CA VAL B 171 -33.71 -36.23 -36.67
C VAL B 171 -32.36 -35.60 -36.36
N HIS B 172 -31.96 -34.64 -37.20
CA HIS B 172 -30.68 -33.94 -37.06
C HIS B 172 -30.89 -32.49 -37.48
N THR B 173 -31.07 -31.60 -36.51
CA THR B 173 -31.25 -30.18 -36.77
C THR B 173 -29.92 -29.45 -36.63
N PHE B 174 -29.42 -28.91 -37.74
CA PHE B 174 -28.08 -28.34 -37.82
C PHE B 174 -28.06 -26.93 -37.23
N PRO B 175 -26.93 -26.52 -36.65
CA PRO B 175 -26.81 -25.12 -36.20
C PRO B 175 -26.89 -24.14 -37.37
N ALA B 176 -27.49 -22.98 -37.09
CA ALA B 176 -27.66 -21.95 -38.10
C ALA B 176 -26.32 -21.35 -38.51
N VAL B 177 -26.26 -20.84 -39.74
CA VAL B 177 -25.10 -20.12 -40.24
C VAL B 177 -25.55 -18.75 -40.73
N LEU B 178 -24.66 -17.76 -40.58
CA LEU B 178 -24.93 -16.37 -40.96
C LEU B 178 -24.31 -16.09 -42.32
N GLN B 179 -25.15 -16.01 -43.35
CA GLN B 179 -24.67 -15.73 -44.70
C GLN B 179 -24.24 -14.26 -44.83
N SER B 180 -23.55 -13.97 -45.94
CA SER B 180 -23.05 -12.64 -46.25
C SER B 180 -24.10 -11.55 -46.05
N SER B 181 -25.32 -11.79 -46.53
CA SER B 181 -26.38 -10.78 -46.53
C SER B 181 -26.80 -10.32 -45.14
N GLY B 182 -26.15 -10.84 -44.10
CA GLY B 182 -26.53 -10.50 -42.74
C GLY B 182 -27.81 -11.17 -42.30
N LEU B 183 -28.13 -12.33 -42.87
CA LEU B 183 -29.29 -13.12 -42.49
C LEU B 183 -28.83 -14.53 -42.13
N TYR B 184 -29.64 -15.20 -41.33
CA TYR B 184 -29.33 -16.54 -40.87
C TYR B 184 -29.99 -17.60 -41.76
N SER B 185 -29.32 -18.73 -41.90
CA SER B 185 -29.80 -19.84 -42.71
C SER B 185 -29.56 -21.15 -41.96
N LEU B 186 -30.63 -21.92 -41.75
CA LEU B 186 -30.59 -23.14 -40.97
C LEU B 186 -31.20 -24.27 -41.78
N SER B 187 -30.80 -25.50 -41.46
CA SER B 187 -31.28 -26.68 -42.15
C SER B 187 -31.65 -27.77 -41.13
N SER B 188 -32.69 -28.53 -41.45
CA SER B 188 -33.13 -29.64 -40.63
C SER B 188 -33.51 -30.81 -41.52
N VAL B 189 -32.99 -32.00 -41.18
CA VAL B 189 -33.19 -33.21 -41.98
C VAL B 189 -33.67 -34.30 -41.05
N VAL B 190 -34.28 -35.33 -41.63
CA VAL B 190 -34.65 -36.53 -40.89
C VAL B 190 -34.54 -37.74 -41.82
N THR B 191 -34.05 -38.85 -41.28
CA THR B 191 -33.95 -40.10 -42.02
C THR B 191 -35.06 -41.06 -41.61
N VAL B 192 -35.61 -41.78 -42.59
CA VAL B 192 -36.81 -42.59 -42.41
C VAL B 192 -36.68 -43.85 -43.26
N PRO B 193 -37.31 -44.96 -42.89
CA PRO B 193 -37.29 -46.14 -43.76
C PRO B 193 -37.98 -45.87 -45.09
N SER B 194 -37.37 -46.37 -46.17
CA SER B 194 -37.88 -46.13 -47.51
C SER B 194 -39.22 -46.81 -47.78
N SER B 195 -39.72 -47.62 -46.84
CA SER B 195 -41.02 -48.26 -46.98
C SER B 195 -42.16 -47.40 -46.45
N SER B 196 -41.84 -46.22 -45.91
CA SER B 196 -42.82 -45.35 -45.29
C SER B 196 -43.20 -44.15 -46.14
N LEU B 197 -42.54 -43.94 -47.28
CA LEU B 197 -42.64 -42.71 -48.06
C LEU B 197 -44.08 -42.34 -48.38
N GLY B 198 -44.75 -43.11 -49.22
CA GLY B 198 -46.14 -42.79 -49.53
C GLY B 198 -47.13 -43.14 -48.43
N THR B 199 -46.67 -43.83 -47.39
CA THR B 199 -47.52 -44.26 -46.29
C THR B 199 -47.58 -43.23 -45.17
N GLN B 200 -46.42 -42.75 -44.73
CA GLN B 200 -46.33 -41.84 -43.59
C GLN B 200 -46.43 -40.39 -44.03
N THR B 201 -46.82 -39.53 -43.10
CA THR B 201 -46.92 -38.09 -43.29
C THR B 201 -45.78 -37.40 -42.57
N TYR B 202 -45.07 -36.52 -43.27
CA TYR B 202 -43.90 -35.85 -42.73
C TYR B 202 -44.13 -34.36 -42.76
N ILE B 203 -44.20 -33.75 -41.59
CA ILE B 203 -44.56 -32.34 -41.42
C ILE B 203 -43.36 -31.57 -40.90
N CYS B 204 -43.00 -30.50 -41.59
CA CYS B 204 -41.97 -29.57 -41.10
C CYS B 204 -42.69 -28.44 -40.38
N ASN B 205 -42.48 -28.34 -39.07
CA ASN B 205 -43.05 -27.27 -38.26
C ASN B 205 -41.96 -26.26 -37.96
N VAL B 206 -42.18 -25.01 -38.36
CA VAL B 206 -41.22 -23.93 -38.15
C VAL B 206 -41.91 -22.82 -37.37
N ASN B 207 -41.30 -22.45 -36.25
CA ASN B 207 -41.83 -21.38 -35.40
C ASN B 207 -40.70 -20.41 -35.12
N HIS B 208 -40.93 -19.13 -35.40
CA HIS B 208 -39.93 -18.08 -35.27
C HIS B 208 -40.58 -16.98 -34.43
N LYS B 209 -40.47 -17.12 -33.10
CA LYS B 209 -41.04 -16.16 -32.17
C LYS B 209 -40.71 -14.70 -32.47
N PRO B 210 -39.46 -14.30 -32.75
CA PRO B 210 -39.23 -12.87 -33.00
C PRO B 210 -40.00 -12.32 -34.19
N SER B 211 -40.19 -13.11 -35.25
CA SER B 211 -40.93 -12.64 -36.42
C SER B 211 -42.36 -13.16 -36.47
N ASN B 212 -42.79 -13.88 -35.43
CA ASN B 212 -44.14 -14.44 -35.34
C ASN B 212 -44.53 -15.22 -36.60
N THR B 213 -43.67 -16.13 -37.01
CA THR B 213 -43.89 -16.91 -38.22
C THR B 213 -44.11 -18.38 -37.86
N LYS B 214 -45.29 -18.90 -38.19
CA LYS B 214 -45.64 -20.31 -38.02
C LYS B 214 -45.99 -20.88 -39.38
N VAL B 215 -45.20 -21.85 -39.84
CA VAL B 215 -45.39 -22.44 -41.17
C VAL B 215 -45.43 -23.95 -41.04
N ASP B 216 -46.46 -24.58 -41.64
CA ASP B 216 -46.57 -26.03 -41.73
C ASP B 216 -46.51 -26.40 -43.21
N LYS B 217 -45.39 -26.98 -43.62
CA LYS B 217 -45.15 -27.34 -45.01
C LYS B 217 -45.27 -28.85 -45.19
N LYS B 218 -46.05 -29.28 -46.17
CA LYS B 218 -46.25 -30.70 -46.45
C LYS B 218 -45.16 -31.20 -47.42
N VAL B 219 -44.43 -32.21 -46.99
CA VAL B 219 -43.43 -32.89 -47.81
C VAL B 219 -44.03 -34.17 -48.36
N GLU B 220 -44.04 -34.33 -49.68
CA GLU B 220 -44.65 -35.53 -50.24
C GLU B 220 -43.71 -36.20 -51.23
N PRO B 221 -43.87 -37.52 -51.41
CA PRO B 221 -43.10 -38.22 -52.45
C PRO B 221 -43.51 -37.81 -53.86
N LYS B 222 -42.53 -37.83 -54.76
CA LYS B 222 -42.74 -37.38 -56.13
C LYS B 222 -42.96 -38.57 -57.06
N ASP C 1 1.05 -8.00 -20.09
CA ASP C 1 -0.08 -8.88 -20.38
C ASP C 1 0.36 -10.34 -20.30
N ILE C 2 -0.19 -11.08 -19.34
CA ILE C 2 0.05 -12.51 -19.26
C ILE C 2 -0.69 -13.23 -20.37
N GLN C 3 0.01 -14.10 -21.08
CA GLN C 3 -0.57 -14.81 -22.22
C GLN C 3 -0.64 -16.29 -21.85
N MET C 4 -1.84 -16.86 -21.93
CA MET C 4 -2.05 -18.25 -21.57
C MET C 4 -2.20 -19.15 -22.79
N THR C 5 -1.32 -20.15 -22.88
CA THR C 5 -1.32 -21.12 -23.97
C THR C 5 -1.78 -22.42 -23.33
N GLN C 6 -2.96 -22.89 -23.72
CA GLN C 6 -3.49 -24.15 -23.20
C GLN C 6 -3.19 -25.27 -24.18
N SER C 7 -2.82 -26.43 -23.64
CA SER C 7 -2.56 -27.65 -24.39
C SER C 7 -3.12 -28.85 -23.65
N PRO C 8 -3.83 -29.75 -24.34
CA PRO C 8 -4.11 -29.67 -25.77
C PRO C 8 -5.36 -28.86 -26.12
N SER C 9 -5.60 -28.66 -27.41
CA SER C 9 -6.81 -27.97 -27.85
C SER C 9 -8.02 -28.90 -27.81
N ALA C 10 -7.86 -30.14 -28.28
CA ALA C 10 -8.91 -31.15 -28.21
C ALA C 10 -8.34 -32.43 -27.63
N MET C 11 -9.24 -33.35 -27.25
CA MET C 11 -8.86 -34.57 -26.58
C MET C 11 -10.04 -35.54 -26.49
N SER C 12 -9.81 -36.79 -26.83
CA SER C 12 -10.81 -37.84 -26.72
C SER C 12 -10.31 -38.95 -25.79
N ALA C 13 -11.19 -39.43 -24.93
CA ALA C 13 -10.81 -40.46 -23.98
C ALA C 13 -12.04 -41.30 -23.62
N SER C 14 -11.78 -42.51 -23.15
CA SER C 14 -12.82 -43.43 -22.72
C SER C 14 -13.08 -43.25 -21.23
N VAL C 15 -14.20 -43.83 -20.76
CA VAL C 15 -14.50 -43.80 -19.34
C VAL C 15 -13.42 -44.58 -18.58
N GLY C 16 -12.91 -43.98 -17.52
CA GLY C 16 -11.88 -44.57 -16.70
C GLY C 16 -10.48 -44.07 -16.97
N ASP C 17 -10.23 -43.48 -18.14
CA ASP C 17 -8.90 -42.99 -18.48
C ASP C 17 -8.53 -41.81 -17.57
N ARG C 18 -7.22 -41.61 -17.42
CA ARG C 18 -6.71 -40.45 -16.70
C ARG C 18 -6.41 -39.32 -17.67
N VAL C 19 -7.11 -38.20 -17.52
CA VAL C 19 -7.04 -37.08 -18.44
C VAL C 19 -6.33 -35.94 -17.74
N THR C 20 -5.39 -35.30 -18.45
CA THR C 20 -4.58 -34.22 -17.90
C THR C 20 -4.58 -33.05 -18.88
N ILE C 21 -5.08 -31.90 -18.43
CA ILE C 21 -5.10 -30.68 -19.23
C ILE C 21 -4.12 -29.70 -18.62
N THR C 22 -3.35 -29.03 -19.48
CA THR C 22 -2.32 -28.11 -19.05
C THR C 22 -2.64 -26.68 -19.45
N CYS C 23 -2.29 -25.73 -18.58
CA CYS C 23 -2.44 -24.30 -18.83
C CYS C 23 -1.15 -23.65 -18.38
N ARG C 24 -0.45 -23.00 -19.31
CA ARG C 24 0.84 -22.37 -19.04
C ARG C 24 0.76 -20.85 -19.12
N ALA C 25 1.36 -20.19 -18.13
CA ALA C 25 1.47 -18.74 -18.08
C ALA C 25 2.87 -18.32 -18.50
N SER C 26 2.96 -17.22 -19.25
CA SER C 26 4.26 -16.76 -19.72
C SER C 26 5.12 -16.22 -18.57
N GLN C 27 4.51 -15.74 -17.50
CA GLN C 27 5.22 -15.26 -16.32
C GLN C 27 4.58 -15.85 -15.07
N GLY C 28 5.09 -15.45 -13.90
CA GLY C 28 4.53 -15.91 -12.65
C GLY C 28 3.21 -15.23 -12.33
N ILE C 29 2.24 -16.02 -11.87
CA ILE C 29 0.91 -15.53 -11.54
C ILE C 29 0.50 -15.98 -10.15
N SER C 30 1.47 -16.35 -9.31
CA SER C 30 1.20 -16.72 -7.92
C SER C 30 0.15 -17.82 -7.83
N ASN C 31 -0.72 -17.76 -6.82
CA ASN C 31 -1.72 -18.79 -6.58
C ASN C 31 -3.12 -18.37 -7.00
N TYR C 32 -3.24 -17.32 -7.82
CA TYR C 32 -4.53 -16.87 -8.35
C TYR C 32 -4.81 -17.60 -9.66
N PHE C 33 -5.45 -18.76 -9.55
CA PHE C 33 -5.78 -19.57 -10.72
C PHE C 33 -7.15 -20.18 -10.50
N ALA C 34 -7.81 -20.59 -11.59
CA ALA C 34 -9.14 -21.15 -11.48
C ALA C 34 -9.47 -21.94 -12.74
N TRP C 35 -10.16 -23.07 -12.57
CA TRP C 35 -10.58 -23.91 -13.69
C TRP C 35 -12.10 -23.95 -13.75
N PHE C 36 -12.66 -23.75 -14.94
CA PHE C 36 -14.10 -23.68 -15.14
C PHE C 36 -14.55 -24.74 -16.13
N GLN C 37 -15.68 -25.36 -15.86
CA GLN C 37 -16.29 -26.33 -16.78
C GLN C 37 -17.49 -25.67 -17.44
N GLN C 38 -17.70 -25.99 -18.72
CA GLN C 38 -18.84 -25.44 -19.46
C GLN C 38 -19.46 -26.52 -20.32
N LYS C 39 -20.69 -26.89 -20.00
CA LYS C 39 -21.50 -27.72 -20.88
C LYS C 39 -22.14 -26.84 -21.95
N PRO C 40 -22.54 -27.42 -23.08
CA PRO C 40 -23.09 -26.60 -24.17
C PRO C 40 -24.35 -25.87 -23.72
N GLY C 41 -24.41 -24.58 -24.03
CA GLY C 41 -25.57 -23.77 -23.72
C GLY C 41 -25.78 -23.44 -22.26
N LYS C 42 -24.84 -23.79 -21.38
CA LYS C 42 -24.96 -23.51 -19.96
C LYS C 42 -23.87 -22.53 -19.52
N VAL C 43 -23.93 -22.16 -18.25
CA VAL C 43 -23.03 -21.16 -17.67
C VAL C 43 -21.79 -21.86 -17.14
N PRO C 44 -20.60 -21.27 -17.26
CA PRO C 44 -19.41 -21.85 -16.64
C PRO C 44 -19.59 -22.03 -15.14
N LYS C 45 -19.18 -23.20 -14.64
CA LYS C 45 -19.24 -23.54 -13.22
C LYS C 45 -17.83 -23.77 -12.70
N ARG C 46 -17.51 -23.16 -11.57
CA ARG C 46 -16.17 -23.24 -11.02
C ARG C 46 -15.91 -24.60 -10.38
N LEU C 47 -14.72 -25.14 -10.64
CA LEU C 47 -14.27 -26.41 -10.06
C LEU C 47 -13.16 -26.24 -9.04
N ILE C 48 -12.17 -25.39 -9.31
CA ILE C 48 -11.03 -25.17 -8.43
C ILE C 48 -10.72 -23.69 -8.41
N TYR C 49 -10.40 -23.13 -7.24
CA TYR C 49 -10.29 -21.68 -7.13
C TYR C 49 -8.95 -21.16 -6.62
N ALA C 50 -8.13 -21.98 -5.95
CA ALA C 50 -6.82 -21.50 -5.55
C ALA C 50 -5.73 -22.39 -6.12
N ALA C 51 -5.88 -22.73 -7.40
CA ALA C 51 -4.99 -23.62 -8.15
C ALA C 51 -5.09 -25.07 -7.67
N SER C 52 -5.58 -25.28 -6.45
CA SER C 52 -5.62 -26.62 -5.88
C SER C 52 -6.82 -26.88 -4.98
N SER C 53 -7.65 -25.88 -4.69
CA SER C 53 -8.74 -26.03 -3.73
C SER C 53 -10.03 -26.40 -4.45
N LEU C 54 -10.60 -27.56 -4.09
CA LEU C 54 -11.82 -28.02 -4.71
C LEU C 54 -13.03 -27.21 -4.25
N GLN C 55 -13.98 -27.04 -5.16
CA GLN C 55 -15.21 -26.32 -4.87
C GLN C 55 -16.22 -27.24 -4.18
N SER C 56 -16.94 -26.69 -3.21
CA SER C 56 -17.95 -27.46 -2.50
C SER C 56 -19.05 -27.94 -3.45
N GLY C 57 -19.39 -29.21 -3.35
CA GLY C 57 -20.38 -29.82 -4.22
C GLY C 57 -19.84 -30.39 -5.51
N VAL C 58 -18.53 -30.52 -5.64
CA VAL C 58 -17.88 -31.03 -6.85
C VAL C 58 -17.22 -32.35 -6.48
N PRO C 59 -17.47 -33.43 -7.23
CA PRO C 59 -16.91 -34.74 -6.86
C PRO C 59 -15.39 -34.72 -6.78
N SER C 60 -14.86 -35.58 -5.93
CA SER C 60 -13.44 -35.58 -5.60
C SER C 60 -12.55 -36.11 -6.71
N ARG C 61 -13.13 -36.63 -7.80
CA ARG C 61 -12.31 -37.08 -8.93
C ARG C 61 -11.56 -35.92 -9.58
N PHE C 62 -12.09 -34.70 -9.49
CA PHE C 62 -11.39 -33.54 -10.00
C PHE C 62 -10.30 -33.10 -9.02
N SER C 63 -9.14 -32.76 -9.56
CA SER C 63 -8.02 -32.33 -8.72
C SER C 63 -7.13 -31.37 -9.51
N GLY C 64 -6.51 -30.45 -8.79
CA GLY C 64 -5.66 -29.45 -9.41
C GLY C 64 -4.30 -29.41 -8.74
N SER C 65 -3.28 -29.12 -9.56
CA SER C 65 -1.92 -29.09 -9.07
C SER C 65 -1.11 -28.08 -9.85
N GLY C 66 0.10 -27.83 -9.37
CA GLY C 66 1.04 -26.91 -9.99
C GLY C 66 1.06 -25.56 -9.29
N SER C 67 2.03 -24.75 -9.69
CA SER C 67 2.21 -23.39 -9.18
C SER C 67 3.38 -22.76 -9.90
N GLY C 68 3.51 -21.44 -9.74
CA GLY C 68 4.57 -20.68 -10.39
C GLY C 68 4.25 -20.29 -11.82
N THR C 69 4.69 -21.10 -12.77
CA THR C 69 4.47 -20.84 -14.19
C THR C 69 3.73 -21.96 -14.91
N GLU C 70 3.79 -23.19 -14.42
CA GLU C 70 3.16 -24.34 -15.05
C GLU C 70 2.05 -24.87 -14.14
N PHE C 71 0.90 -25.22 -14.74
CA PHE C 71 -0.24 -25.72 -13.97
C PHE C 71 -0.86 -26.90 -14.71
N THR C 72 -1.52 -27.77 -13.96
CA THR C 72 -2.10 -29.00 -14.49
C THR C 72 -3.42 -29.29 -13.83
N LEU C 73 -4.46 -29.51 -14.64
CA LEU C 73 -5.73 -30.06 -14.17
C LEU C 73 -5.76 -31.55 -14.49
N THR C 74 -6.24 -32.35 -13.52
CA THR C 74 -6.26 -33.79 -13.66
C THR C 74 -7.60 -34.34 -13.21
N ILE C 75 -8.17 -35.23 -14.02
CA ILE C 75 -9.35 -36.00 -13.64
C ILE C 75 -8.92 -37.44 -13.39
N SER C 76 -9.11 -37.91 -12.16
CA SER C 76 -8.63 -39.24 -11.78
C SER C 76 -9.29 -40.34 -12.62
N ASN C 77 -10.62 -40.37 -12.66
CA ASN C 77 -11.35 -41.30 -13.50
C ASN C 77 -12.53 -40.63 -14.17
N LEU C 78 -12.60 -40.70 -15.50
CA LEU C 78 -13.63 -39.98 -16.23
C LEU C 78 -15.01 -40.56 -15.92
N GLN C 79 -16.02 -39.77 -16.24
CA GLN C 79 -17.42 -40.11 -15.99
C GLN C 79 -18.25 -39.57 -17.14
N PRO C 80 -19.43 -40.15 -17.38
CA PRO C 80 -20.27 -39.66 -18.48
C PRO C 80 -20.54 -38.16 -18.42
N GLU C 81 -20.87 -37.64 -17.24
CA GLU C 81 -21.18 -36.23 -17.05
C GLU C 81 -19.91 -35.35 -17.02
N ASP C 82 -18.74 -35.93 -17.33
CA ASP C 82 -17.49 -35.18 -17.39
C ASP C 82 -17.12 -34.71 -18.79
N PHE C 83 -17.91 -35.06 -19.80
CA PHE C 83 -17.63 -34.62 -21.18
C PHE C 83 -18.10 -33.18 -21.35
N ALA C 84 -17.14 -32.25 -21.42
CA ALA C 84 -17.46 -30.83 -21.50
C ALA C 84 -16.21 -30.08 -21.98
N THR C 85 -16.25 -28.75 -21.88
CA THR C 85 -15.13 -27.89 -22.24
C THR C 85 -14.59 -27.22 -20.97
N TYR C 86 -13.26 -27.21 -20.83
CA TYR C 86 -12.61 -26.72 -19.63
C TYR C 86 -11.76 -25.49 -19.95
N TYR C 87 -11.93 -24.44 -19.16
CA TYR C 87 -11.19 -23.19 -19.33
C TYR C 87 -10.36 -22.91 -18.09
N CYS C 88 -9.13 -22.45 -18.30
CA CYS C 88 -8.34 -21.90 -17.21
C CYS C 88 -8.37 -20.38 -17.25
N LEU C 89 -8.32 -19.76 -16.06
CA LEU C 89 -8.44 -18.32 -15.94
C LEU C 89 -7.49 -17.82 -14.86
N GLN C 90 -6.68 -16.82 -15.18
CA GLN C 90 -5.82 -16.19 -14.20
C GLN C 90 -6.40 -14.83 -13.82
N HIS C 91 -6.38 -14.54 -12.52
CA HIS C 91 -6.92 -13.28 -12.03
C HIS C 91 -5.94 -12.62 -11.07
N SER C 92 -4.65 -12.75 -11.35
CA SER C 92 -3.62 -12.13 -10.52
C SER C 92 -3.39 -10.68 -10.92
N TYR C 93 -2.89 -10.45 -12.14
CA TYR C 93 -2.57 -9.13 -12.63
C TYR C 93 -3.58 -8.70 -13.68
N TYR C 94 -3.90 -7.41 -13.70
CA TYR C 94 -4.81 -6.90 -14.72
C TYR C 94 -4.07 -6.69 -16.03
N PRO C 95 -4.65 -7.08 -17.17
CA PRO C 95 -6.04 -7.55 -17.29
C PRO C 95 -6.14 -9.07 -17.13
N TYR C 96 -7.35 -9.60 -17.09
CA TYR C 96 -7.55 -11.02 -16.93
C TYR C 96 -7.70 -11.68 -18.30
N THR C 97 -7.24 -12.93 -18.40
CA THR C 97 -7.29 -13.65 -19.66
C THR C 97 -7.66 -15.10 -19.43
N PHE C 98 -8.51 -15.63 -20.31
CA PHE C 98 -8.89 -17.04 -20.29
C PHE C 98 -8.00 -17.84 -21.23
N GLY C 99 -8.06 -19.17 -21.09
CA GLY C 99 -7.48 -20.05 -22.07
C GLY C 99 -8.37 -20.21 -23.30
N GLN C 100 -7.82 -20.88 -24.31
CA GLN C 100 -8.58 -21.15 -25.53
C GLN C 100 -9.62 -22.24 -25.37
N GLY C 101 -9.57 -23.01 -24.29
CA GLY C 101 -10.54 -24.07 -24.06
C GLY C 101 -10.06 -25.42 -24.58
N THR C 102 -10.57 -26.47 -23.95
CA THR C 102 -10.26 -27.84 -24.33
C THR C 102 -11.54 -28.66 -24.34
N LYS C 103 -11.90 -29.21 -25.50
CA LYS C 103 -13.11 -30.00 -25.65
C LYS C 103 -12.75 -31.48 -25.50
N LEU C 104 -13.40 -32.15 -24.55
CA LEU C 104 -13.14 -33.55 -24.25
C LEU C 104 -14.25 -34.37 -24.90
N GLU C 105 -13.89 -35.13 -25.94
CA GLU C 105 -14.84 -35.88 -26.76
C GLU C 105 -14.79 -37.37 -26.45
N ILE C 106 -15.84 -38.07 -26.91
CA ILE C 106 -15.95 -39.51 -26.75
C ILE C 106 -15.14 -40.22 -27.83
N LYS C 107 -14.50 -41.34 -27.46
CA LYS C 107 -13.72 -42.13 -28.39
C LYS C 107 -14.54 -43.34 -28.81
N ARG C 108 -14.72 -43.52 -30.12
CA ARG C 108 -15.46 -44.66 -30.66
C ARG C 108 -14.70 -45.27 -31.84
N THR C 109 -15.31 -46.30 -32.41
CA THR C 109 -14.79 -46.98 -33.59
C THR C 109 -15.04 -46.16 -34.85
N VAL C 110 -14.16 -46.33 -35.84
CA VAL C 110 -14.29 -45.61 -37.10
C VAL C 110 -15.61 -45.98 -37.78
N ALA C 111 -16.28 -44.97 -38.33
CA ALA C 111 -17.55 -45.15 -39.04
C ALA C 111 -17.57 -44.27 -40.28
N ALA C 112 -17.98 -44.89 -41.46
CA ALA C 112 -18.02 -44.16 -42.73
C ALA C 112 -19.36 -43.47 -42.92
N PRO C 113 -19.36 -42.30 -43.56
CA PRO C 113 -20.61 -41.53 -43.70
C PRO C 113 -21.52 -42.07 -44.80
N SER C 114 -22.83 -41.98 -44.53
CA SER C 114 -23.86 -42.15 -45.55
C SER C 114 -24.04 -40.84 -46.34
N VAL C 115 -23.87 -40.91 -47.66
CA VAL C 115 -23.93 -39.73 -48.52
C VAL C 115 -25.27 -39.70 -49.24
N PHE C 116 -25.92 -38.53 -49.23
CA PHE C 116 -27.17 -38.28 -49.94
C PHE C 116 -27.07 -36.96 -50.71
N ILE C 117 -27.85 -36.83 -51.78
CA ILE C 117 -27.89 -35.62 -52.58
C ILE C 117 -29.35 -35.21 -52.82
N PHE C 118 -29.62 -33.90 -52.71
CA PHE C 118 -30.95 -33.35 -52.87
C PHE C 118 -30.85 -32.22 -53.88
N PRO C 119 -31.50 -32.31 -55.05
CA PRO C 119 -31.48 -31.19 -55.99
C PRO C 119 -32.30 -30.01 -55.48
N PRO C 120 -32.17 -28.84 -56.11
CA PRO C 120 -33.03 -27.71 -55.76
C PRO C 120 -34.47 -27.94 -56.19
N SER C 121 -35.41 -27.48 -55.36
CA SER C 121 -36.82 -27.51 -55.76
C SER C 121 -37.07 -26.51 -56.87
N ASP C 122 -38.02 -26.84 -57.76
CA ASP C 122 -38.40 -25.94 -58.83
C ASP C 122 -39.00 -24.64 -58.29
N GLU C 123 -39.76 -24.72 -57.19
CA GLU C 123 -40.34 -23.53 -56.59
C GLU C 123 -39.24 -22.56 -56.16
N GLN C 124 -38.20 -23.07 -55.52
CA GLN C 124 -37.08 -22.22 -55.11
C GLN C 124 -36.47 -21.54 -56.33
N LEU C 125 -36.37 -22.27 -57.45
CA LEU C 125 -35.91 -21.66 -58.68
C LEU C 125 -36.80 -20.49 -59.09
N LYS C 126 -38.12 -20.66 -59.02
CA LYS C 126 -38.98 -19.49 -59.22
C LYS C 126 -38.69 -18.37 -58.23
N SER C 127 -38.23 -18.73 -57.03
CA SER C 127 -37.92 -17.69 -56.04
C SER C 127 -36.66 -16.91 -56.40
N GLY C 128 -35.79 -17.48 -57.24
CA GLY C 128 -34.58 -16.81 -57.67
C GLY C 128 -33.29 -17.34 -57.09
N THR C 129 -33.32 -18.41 -56.30
CA THR C 129 -32.11 -19.01 -55.76
C THR C 129 -32.17 -20.53 -55.92
N ALA C 130 -30.99 -21.15 -55.90
CA ALA C 130 -30.87 -22.60 -55.98
C ALA C 130 -29.85 -23.06 -54.96
N SER C 131 -30.17 -24.12 -54.22
CA SER C 131 -29.24 -24.70 -53.26
C SER C 131 -29.16 -26.21 -53.43
N VAL C 132 -27.95 -26.71 -53.69
CA VAL C 132 -27.69 -28.15 -53.73
C VAL C 132 -26.99 -28.54 -52.44
N VAL C 133 -27.48 -29.57 -51.77
CA VAL C 133 -26.97 -30.00 -50.47
C VAL C 133 -26.43 -31.42 -50.58
N CYS C 134 -25.25 -31.65 -50.01
CA CYS C 134 -24.67 -32.98 -49.90
C CYS C 134 -24.45 -33.25 -48.42
N LEU C 135 -25.00 -34.37 -47.94
CA LEU C 135 -25.05 -34.70 -46.52
C LEU C 135 -24.16 -35.89 -46.22
N LEU C 136 -23.35 -35.75 -45.16
CA LEU C 136 -22.52 -36.84 -44.64
C LEU C 136 -23.09 -37.26 -43.29
N ASN C 137 -23.59 -38.49 -43.21
CA ASN C 137 -24.37 -38.96 -42.08
C ASN C 137 -23.57 -39.97 -41.26
N ASN C 138 -23.42 -39.69 -39.95
CA ASN C 138 -22.95 -40.65 -38.96
C ASN C 138 -21.57 -41.21 -39.32
N PHE C 139 -20.57 -40.33 -39.21
CA PHE C 139 -19.19 -40.74 -39.42
C PHE C 139 -18.35 -40.41 -38.19
N TYR C 140 -17.15 -41.02 -38.14
CA TYR C 140 -16.16 -40.81 -37.09
C TYR C 140 -14.83 -41.32 -37.62
N PRO C 141 -13.71 -40.62 -37.42
CA PRO C 141 -13.45 -39.35 -36.72
C PRO C 141 -13.92 -38.10 -37.45
N ARG C 142 -13.75 -36.94 -36.82
CA ARG C 142 -14.26 -35.69 -37.36
C ARG C 142 -13.48 -35.21 -38.58
N GLU C 143 -12.23 -35.65 -38.74
CA GLU C 143 -11.45 -35.22 -39.88
C GLU C 143 -12.07 -35.73 -41.17
N ALA C 144 -12.59 -34.82 -42.00
CA ALA C 144 -13.12 -35.20 -43.30
C ALA C 144 -12.88 -34.06 -44.28
N LYS C 145 -12.79 -34.40 -45.56
CA LYS C 145 -12.53 -33.43 -46.62
C LYS C 145 -13.63 -33.54 -47.66
N VAL C 146 -14.33 -32.45 -47.91
CA VAL C 146 -15.41 -32.40 -48.89
C VAL C 146 -14.98 -31.50 -50.04
N GLN C 147 -15.12 -32.01 -51.26
CA GLN C 147 -14.84 -31.25 -52.47
C GLN C 147 -16.05 -31.24 -53.39
N TRP C 148 -16.40 -30.05 -53.89
CA TRP C 148 -17.46 -29.89 -54.87
C TRP C 148 -16.82 -29.83 -56.25
N LYS C 149 -17.41 -30.55 -57.21
CA LYS C 149 -16.91 -30.57 -58.57
C LYS C 149 -18.08 -30.34 -59.53
N VAL C 150 -18.06 -29.20 -60.22
CA VAL C 150 -19.09 -28.85 -61.20
C VAL C 150 -18.49 -28.96 -62.61
N ASP C 151 -18.98 -29.92 -63.39
CA ASP C 151 -18.48 -30.18 -64.75
C ASP C 151 -16.96 -30.35 -64.76
N ASN C 152 -16.46 -31.15 -63.81
CA ASN C 152 -15.05 -31.45 -63.63
C ASN C 152 -14.22 -30.20 -63.30
N ALA C 153 -14.87 -29.09 -62.98
CA ALA C 153 -14.19 -27.88 -62.54
C ALA C 153 -14.30 -27.77 -61.02
N LEU C 154 -13.16 -27.73 -60.34
CA LEU C 154 -13.16 -27.71 -58.88
C LEU C 154 -13.71 -26.37 -58.38
N GLN C 155 -14.71 -26.44 -57.50
CA GLN C 155 -15.37 -25.24 -56.98
C GLN C 155 -14.81 -24.88 -55.60
N SER C 156 -14.68 -23.57 -55.36
CA SER C 156 -14.12 -23.07 -54.13
C SER C 156 -14.81 -21.76 -53.76
N GLY C 157 -15.20 -21.64 -52.49
CA GLY C 157 -15.78 -20.41 -51.99
C GLY C 157 -17.26 -20.22 -52.23
N ASN C 158 -17.97 -21.26 -52.67
CA ASN C 158 -19.42 -21.18 -52.89
C ASN C 158 -20.18 -22.23 -52.08
N SER C 159 -19.55 -22.78 -51.05
CA SER C 159 -20.18 -23.76 -50.18
C SER C 159 -19.88 -23.44 -48.72
N GLN C 160 -20.79 -23.83 -47.84
CA GLN C 160 -20.61 -23.71 -46.40
C GLN C 160 -20.96 -25.04 -45.76
N GLU C 161 -20.18 -25.43 -44.75
CA GLU C 161 -20.45 -26.64 -43.98
C GLU C 161 -20.64 -26.31 -42.51
N SER C 162 -21.37 -27.20 -41.83
CA SER C 162 -21.52 -27.16 -40.38
C SER C 162 -21.62 -28.59 -39.88
N VAL C 163 -21.05 -28.85 -38.69
CA VAL C 163 -20.98 -30.19 -38.13
C VAL C 163 -21.72 -30.20 -36.80
N THR C 164 -22.41 -31.30 -36.51
CA THR C 164 -23.13 -31.48 -35.27
C THR C 164 -22.19 -31.74 -34.09
N GLU C 165 -22.77 -31.60 -32.90
CA GLU C 165 -22.18 -32.01 -31.63
C GLU C 165 -22.14 -33.53 -31.52
N GLN C 166 -21.31 -34.02 -30.59
CA GLN C 166 -21.16 -35.45 -30.41
C GLN C 166 -22.51 -36.10 -30.12
N ASP C 167 -22.88 -37.09 -30.93
CA ASP C 167 -24.21 -37.67 -30.81
C ASP C 167 -24.36 -38.36 -29.46
N SER C 168 -25.55 -38.29 -28.89
CA SER C 168 -25.72 -38.82 -27.54
C SER C 168 -25.67 -40.34 -27.53
N LYS C 169 -26.10 -40.99 -28.61
CA LYS C 169 -26.16 -42.44 -28.66
C LYS C 169 -24.87 -43.09 -29.17
N ASP C 170 -24.48 -42.75 -30.40
CA ASP C 170 -23.36 -43.40 -31.05
C ASP C 170 -22.11 -42.54 -31.21
N SER C 171 -22.12 -41.31 -30.71
CA SER C 171 -20.93 -40.43 -30.74
C SER C 171 -20.43 -40.21 -32.16
N THR C 172 -21.35 -40.17 -33.12
CA THR C 172 -21.04 -39.95 -34.53
C THR C 172 -21.39 -38.54 -34.97
N TYR C 173 -20.67 -38.06 -35.99
CA TYR C 173 -20.85 -36.73 -36.54
C TYR C 173 -21.77 -36.78 -37.76
N SER C 174 -22.36 -35.63 -38.07
CA SER C 174 -23.13 -35.46 -39.29
C SER C 174 -22.80 -34.11 -39.88
N LEU C 175 -22.52 -34.06 -41.18
CA LEU C 175 -22.12 -32.82 -41.84
C LEU C 175 -23.07 -32.52 -42.99
N SER C 176 -23.33 -31.23 -43.19
CA SER C 176 -24.13 -30.76 -44.32
C SER C 176 -23.39 -29.63 -45.02
N SER C 177 -23.26 -29.72 -46.34
CA SER C 177 -22.65 -28.66 -47.14
C SER C 177 -23.69 -28.14 -48.13
N THR C 178 -24.04 -26.86 -48.01
CA THR C 178 -25.06 -26.26 -48.85
C THR C 178 -24.43 -25.18 -49.72
N LEU C 179 -24.54 -25.35 -51.04
CA LEU C 179 -24.03 -24.39 -52.01
C LEU C 179 -25.19 -23.57 -52.55
N THR C 180 -25.05 -22.25 -52.57
CA THR C 180 -26.12 -21.36 -52.98
C THR C 180 -25.70 -20.65 -54.27
N LEU C 181 -26.56 -20.70 -55.28
CA LEU C 181 -26.32 -20.03 -56.55
C LEU C 181 -27.56 -19.29 -57.02
N SER C 182 -27.35 -18.37 -57.96
CA SER C 182 -28.41 -17.74 -58.72
C SER C 182 -28.93 -18.67 -59.80
N LYS C 183 -30.16 -18.40 -60.26
CA LYS C 183 -30.75 -19.15 -61.37
C LYS C 183 -29.86 -19.11 -62.60
N ALA C 184 -29.27 -17.94 -62.90
CA ALA C 184 -28.37 -17.82 -64.04
C ALA C 184 -27.22 -18.80 -63.94
N ASP C 185 -26.46 -18.74 -62.84
CA ASP C 185 -25.33 -19.65 -62.66
C ASP C 185 -25.79 -21.10 -62.57
N TYR C 186 -26.99 -21.34 -62.03
CA TYR C 186 -27.49 -22.71 -61.95
C TYR C 186 -27.73 -23.29 -63.33
N GLU C 187 -28.27 -22.49 -64.24
CA GLU C 187 -28.57 -22.97 -65.59
C GLU C 187 -27.35 -22.95 -66.51
N LYS C 188 -26.23 -22.38 -66.06
CA LYS C 188 -24.99 -22.39 -66.83
C LYS C 188 -24.22 -23.71 -66.79
N HIS C 189 -24.65 -24.68 -66.00
CA HIS C 189 -23.82 -25.85 -65.75
C HIS C 189 -24.69 -27.10 -65.69
N LYS C 190 -24.05 -28.26 -65.83
CA LYS C 190 -24.76 -29.52 -65.96
C LYS C 190 -24.53 -30.45 -64.77
N VAL C 191 -23.28 -30.83 -64.50
CA VAL C 191 -22.96 -31.87 -63.53
C VAL C 191 -22.63 -31.22 -62.19
N TYR C 192 -23.38 -31.59 -61.14
CA TYR C 192 -23.10 -31.14 -59.78
C TYR C 192 -22.73 -32.36 -58.94
N ALA C 193 -21.52 -32.36 -58.37
CA ALA C 193 -21.03 -33.52 -57.64
C ALA C 193 -20.40 -33.11 -56.31
N CYS C 194 -20.60 -33.95 -55.29
CA CYS C 194 -19.99 -33.76 -53.98
C CYS C 194 -19.14 -34.99 -53.68
N GLU C 195 -17.83 -34.80 -53.51
CA GLU C 195 -16.88 -35.88 -53.29
C GLU C 195 -16.34 -35.82 -51.87
N VAL C 196 -16.57 -36.87 -51.11
CA VAL C 196 -16.23 -36.93 -49.69
C VAL C 196 -15.08 -37.91 -49.51
N THR C 197 -14.07 -37.50 -48.77
CA THR C 197 -12.97 -38.38 -48.35
C THR C 197 -12.95 -38.42 -46.83
N HIS C 198 -12.90 -39.63 -46.28
CA HIS C 198 -12.95 -39.81 -44.83
C HIS C 198 -12.10 -41.02 -44.46
N GLN C 199 -11.65 -41.03 -43.20
CA GLN C 199 -10.84 -42.12 -42.70
C GLN C 199 -11.54 -43.46 -42.88
N GLY C 200 -12.86 -43.50 -42.71
CA GLY C 200 -13.62 -44.73 -42.83
C GLY C 200 -13.85 -45.22 -44.24
N LEU C 201 -13.26 -44.57 -45.25
CA LEU C 201 -13.44 -44.95 -46.63
C LEU C 201 -12.09 -45.32 -47.24
N SER C 202 -12.07 -46.44 -47.98
CA SER C 202 -10.84 -46.86 -48.65
C SER C 202 -10.54 -46.02 -49.88
N SER C 203 -11.58 -45.59 -50.60
CA SER C 203 -11.44 -44.76 -51.78
C SER C 203 -12.54 -43.71 -51.77
N PRO C 204 -12.27 -42.52 -52.30
CA PRO C 204 -13.27 -41.45 -52.29
C PRO C 204 -14.55 -41.89 -52.98
N VAL C 205 -15.68 -41.49 -52.41
CA VAL C 205 -17.00 -41.81 -52.94
C VAL C 205 -17.54 -40.56 -53.62
N THR C 206 -17.87 -40.67 -54.90
CA THR C 206 -18.43 -39.56 -55.66
C THR C 206 -19.88 -39.85 -56.02
N LYS C 207 -20.76 -38.92 -55.66
CA LYS C 207 -22.16 -38.98 -56.06
C LYS C 207 -22.48 -37.72 -56.84
N SER C 208 -23.08 -37.88 -58.02
CA SER C 208 -23.23 -36.78 -58.96
C SER C 208 -24.56 -36.91 -59.69
N PHE C 209 -24.93 -35.82 -60.37
CA PHE C 209 -26.11 -35.83 -61.23
C PHE C 209 -25.89 -34.82 -62.34
N ASN C 210 -26.70 -34.95 -63.39
CA ASN C 210 -26.67 -34.05 -64.53
C ASN C 210 -27.92 -33.18 -64.58
N ARG C 211 -27.72 -31.88 -64.79
CA ARG C 211 -28.80 -30.90 -64.68
C ARG C 211 -29.94 -31.23 -65.65
N GLY C 212 -31.14 -31.38 -65.10
CA GLY C 212 -32.34 -31.64 -65.87
C GLY C 212 -32.38 -32.95 -66.63
N GLU C 213 -32.01 -34.06 -65.98
CA GLU C 213 -32.12 -35.38 -66.56
C GLU C 213 -32.57 -36.36 -65.49
N CYS C 214 -33.10 -37.49 -65.93
CA CYS C 214 -33.56 -38.53 -65.01
C CYS C 214 -33.02 -39.90 -65.43
C1 NAG D . -0.69 4.85 -4.94
C2 NAG D . -0.36 5.68 -6.20
C3 NAG D . -1.16 7.01 -6.19
C4 NAG D . -2.63 6.76 -5.90
C5 NAG D . -2.79 5.90 -4.65
C6 NAG D . -4.23 5.55 -4.38
C7 NAG D . 1.65 6.22 -7.48
C8 NAG D . 3.13 6.47 -7.43
N2 NAG D . 1.05 5.95 -6.32
O3 NAG D . -1.01 7.65 -7.44
O4 NAG D . -3.25 8.01 -5.65
O5 NAG D . -2.10 4.67 -4.85
O6 NAG D . -4.39 4.81 -3.18
O7 NAG D . 1.02 6.27 -8.55
C1 NAG D . -4.36 8.27 -6.55
C2 NAG D . -5.23 9.32 -5.87
C3 NAG D . -6.39 9.77 -6.78
C4 NAG D . -5.99 9.95 -8.23
C5 NAG D . -4.95 8.95 -8.72
C6 NAG D . -4.28 9.37 -10.02
C7 NAG D . -6.16 9.64 -3.61
C8 NAG D . -6.66 8.96 -2.38
N2 NAG D . -5.75 8.83 -4.59
O3 NAG D . -6.93 10.99 -6.27
O4 NAG D . -7.13 9.87 -9.07
O5 NAG D . -3.90 8.77 -7.77
O6 NAG D . -3.71 10.67 -9.90
O7 NAG D . -6.13 10.86 -3.72
C1 FUC D . -4.95 5.70 -2.20
C2 FUC D . -6.03 4.97 -1.41
C3 FUC D . -5.41 3.69 -0.85
C4 FUC D . -4.30 4.13 0.09
C5 FUC D . -3.31 4.91 -0.77
C6 FUC D . -2.08 5.33 -0.04
O2 FUC D . -7.18 4.69 -2.19
O3 FUC D . -6.37 2.94 -0.12
O4 FUC D . -4.81 4.94 1.12
O5 FUC D . -3.95 6.07 -1.31
C1 NAG E . 6.42 -10.86 12.32
C2 NAG E . 7.54 -11.49 11.48
C3 NAG E . 6.94 -12.34 10.36
C4 NAG E . 5.99 -13.37 10.95
C5 NAG E . 4.92 -12.69 11.82
C6 NAG E . 4.04 -13.68 12.55
C7 NAG E . 8.39 -9.48 10.17
C8 NAG E . 7.01 -9.15 9.68
N2 NAG E . 8.55 -10.55 10.98
O3 NAG E . 7.99 -13.00 9.66
O4 NAG E . 5.31 -14.04 9.90
O5 NAG E . 5.54 -11.89 12.83
O6 NAG E . 4.56 -14.02 13.83
O7 NAG E . 9.36 -8.79 9.84
C1 NAG E . 5.80 -15.39 9.80
C2 NAG E . 4.65 -16.32 9.40
C3 NAG E . 5.17 -17.75 9.24
C4 NAG E . 6.31 -17.77 8.23
C5 NAG E . 7.40 -16.80 8.67
C6 NAG E . 8.52 -16.69 7.66
C7 NAG E . 2.31 -15.91 10.03
C8 NAG E . 1.31 -15.93 11.14
N2 NAG E . 3.56 -16.27 10.35
O3 NAG E . 4.11 -18.60 8.82
O4 NAG E . 6.84 -19.09 8.13
O5 NAG E . 6.86 -15.48 8.81
O6 NAG E . 8.40 -15.53 6.86
O7 NAG E . 2.00 -15.60 8.89
C1 FUC E . 3.67 -14.93 14.51
C2 FUC E . 4.40 -15.57 15.72
C3 FUC E . 4.73 -14.49 16.78
C4 FUC E . 3.44 -13.79 17.19
C5 FUC E . 2.73 -13.22 15.95
C6 FUC E . 1.39 -12.61 16.31
O2 FUC E . 5.57 -16.28 15.33
O3 FUC E . 5.32 -15.08 17.93
O4 FUC E . 2.57 -14.71 17.85
O5 FUC E . 2.49 -14.26 14.97
C1 NAG F . 8.01 43.52 8.16
C2 NAG F . 8.59 43.96 9.51
C3 NAG F . 7.58 44.83 10.23
C4 NAG F . 7.18 46.02 9.36
C5 NAG F . 6.64 45.51 8.02
C6 NAG F . 6.34 46.63 7.05
C7 NAG F . 9.83 42.87 11.32
C8 NAG F . 10.06 41.59 12.06
N2 NAG F . 8.94 42.81 10.31
O3 NAG F . 8.15 45.32 11.44
O4 NAG F . 6.16 46.77 10.00
O5 NAG F . 7.63 44.68 7.39
O6 NAG F . 4.97 47.02 7.11
O7 NAG F . 10.42 43.90 11.60
C1 NAG F . 6.65 48.08 10.33
C2 NAG F . 5.51 48.89 10.93
C3 NAG F . 6.00 50.29 11.28
C4 NAG F . 7.17 50.18 12.23
C5 NAG F . 8.27 49.32 11.61
C6 NAG F . 9.45 49.10 12.52
C7 NAG F . 3.29 48.19 10.15
C8 NAG F . 2.23 48.38 9.10
N2 NAG F . 4.39 48.96 10.01
O3 NAG F . 4.95 51.02 11.89
O4 NAG F . 7.70 51.47 12.53
O5 NAG F . 7.75 48.03 11.27
O6 NAG F . 9.49 50.07 13.56
O7 NAG F . 3.17 47.37 11.05
C1 NAG G . -12.43 19.65 36.54
C2 NAG G . -13.50 20.61 36.01
C3 NAG G . -14.57 20.86 37.06
C4 NAG G . -15.08 19.55 37.65
C5 NAG G . -13.90 18.71 38.13
C6 NAG G . -14.32 17.37 38.66
C7 NAG G . -12.93 22.25 34.28
C8 NAG G . -12.29 23.57 33.98
N2 NAG G . -12.92 21.86 35.56
O3 NAG G . -15.66 21.58 36.48
O4 NAG G . -15.94 19.82 38.76
O5 NAG G . -13.03 18.46 37.01
O6 NAG G . -15.11 16.66 37.71
O7 NAG G . -13.43 21.57 33.40
C1 NAG H . -4.76 36.39 9.71
C2 NAG H . -5.82 36.87 8.71
C3 NAG H . -5.79 38.39 8.57
C4 NAG H . -5.81 39.06 9.93
C5 NAG H . -4.73 38.47 10.82
C6 NAG H . -4.73 39.05 12.22
C7 NAG H . -6.30 35.14 7.03
C8 NAG H . -5.98 34.62 5.66
N2 NAG H . -5.63 36.24 7.41
O3 NAG H . -6.91 38.81 7.80
O4 NAG H . -5.60 40.46 9.79
O5 NAG H . -4.95 37.07 10.95
O6 NAG H . -5.43 40.28 12.26
O7 NAG H . -7.13 34.59 7.75
C1 NAG I . 36.23 45.10 19.35
C2 NAG I . 37.32 44.00 19.45
C3 NAG I . 38.53 44.52 20.23
C4 NAG I . 38.99 45.87 19.70
C5 NAG I . 37.81 46.82 19.65
C6 NAG I . 38.17 48.18 19.08
C7 NAG I . 36.79 41.61 19.43
C8 NAG I . 36.21 40.46 20.21
N2 NAG I . 36.79 42.80 20.05
O3 NAG I . 39.59 43.57 20.12
O4 NAG I . 40.00 46.41 20.56
O5 NAG I . 36.80 46.27 18.80
O6 NAG I . 37.97 48.21 17.67
O7 NAG I . 37.23 41.47 18.30
#